data_3GVB
#
_entry.id   3GVB
#
_cell.length_a   118.109
_cell.length_b   76.177
_cell.length_c   97.522
_cell.angle_alpha   90.00
_cell.angle_beta   116.51
_cell.angle_gamma   90.00
#
_symmetry.space_group_name_H-M   'C 1 2 1'
#
loop_
_entity.id
_entity.type
_entity.pdbx_description
1 polymer Beta-lactamase
2 non-polymer 'PHOSPHATE ION'
3 non-polymer '(3S)-1-(2-hydroxyphenyl)-5-oxopyrrolidine-3-carboxylic acid'
4 non-polymer 'DIMETHYL SULFOXIDE'
5 water water
#
_entity_poly.entity_id   1
_entity_poly.type   'polypeptide(L)'
_entity_poly.pdbx_seq_one_letter_code
;APQQINDIVHRTITPLIEQQKIPGMAVAVIYQGKPYYFTWGYADIAKKQPVTQQTLFELGSVSKTFTGVLGGDAIARGEI
KLSDPTTKYWPELTAKQWNGITLLHLATYTAGGLPLQVPDEVKSSSDLLRFYQNWQPAWAPGTQRLYANSSIGLFGALAV
KPSGLSFEQAMQTRVFQPLKLNHTWINVPPAEEKNYAWGYREGKAVHVSPGALDAEAYGVKSTIEDMARWVQSNLKPLDI
NEKTLQQGIQLAQSRYWQTGDMYQGLGWEMLDWPVNPDSIINGSDNKIALAARPVKAITPPTPAVRASWVHKTGATGGFG
SYVAFIPEKELGIVMLANKNYPNPARVDAAWQILNALQ
;
_entity_poly.pdbx_strand_id   A,B
#
loop_
_chem_comp.id
_chem_comp.type
_chem_comp.name
_chem_comp.formula
3GV non-polymer '(3S)-1-(2-hydroxyphenyl)-5-oxopyrrolidine-3-carboxylic acid' 'C11 H11 N O4'
DMS non-polymer 'DIMETHYL SULFOXIDE' 'C2 H6 O S'
PO4 non-polymer 'PHOSPHATE ION' 'O4 P -3'
#
# COMPACT_ATOMS: atom_id res chain seq x y z
N ALA A 1 -12.46 -28.18 -22.57
CA ALA A 1 -11.41 -27.12 -22.56
C ALA A 1 -11.06 -26.68 -23.97
N PRO A 2 -10.60 -25.41 -24.14
CA PRO A 2 -10.01 -25.02 -25.42
C PRO A 2 -8.84 -25.95 -25.74
N GLN A 3 -8.74 -26.36 -27.00
CA GLN A 3 -7.74 -27.35 -27.41
C GLN A 3 -6.30 -26.91 -27.14
N GLN A 4 -6.03 -25.61 -27.28
CA GLN A 4 -4.71 -25.07 -26.98
C GLN A 4 -4.31 -25.35 -25.54
N ILE A 5 -5.24 -25.14 -24.61
CA ILE A 5 -5.01 -25.43 -23.19
C ILE A 5 -4.82 -26.93 -22.96
N ASN A 6 -5.74 -27.73 -23.48
CA ASN A 6 -5.62 -29.19 -23.41
C ASN A 6 -4.26 -29.68 -23.87
N ASP A 7 -3.85 -29.25 -25.07
CA ASP A 7 -2.62 -29.72 -25.70
C ASP A 7 -1.36 -29.33 -24.93
N ILE A 8 -1.20 -28.04 -24.62
CA ILE A 8 0.01 -27.60 -23.92
C ILE A 8 0.15 -28.23 -22.53
N VAL A 9 -0.98 -28.39 -21.82
CA VAL A 9 -0.96 -29.02 -20.50
C VAL A 9 -0.55 -30.50 -20.59
N HIS A 10 -1.26 -31.27 -21.42
CA HIS A 10 -0.96 -32.69 -21.57
C HIS A 10 0.43 -32.98 -22.13
N ARG A 11 0.85 -32.20 -23.12
CA ARG A 11 2.16 -32.38 -23.75
C ARG A 11 3.32 -31.98 -22.85
N THR A 12 3.04 -31.17 -21.82
CA THR A 12 4.04 -30.76 -20.84
C THR A 12 4.04 -31.69 -19.62
N ILE A 13 2.86 -31.95 -19.08
CA ILE A 13 2.73 -32.66 -17.81
C ILE A 13 2.95 -34.18 -17.91
N THR A 14 2.46 -34.80 -18.99
CA THR A 14 2.64 -36.25 -19.19
C THR A 14 4.12 -36.68 -19.16
N PRO A 15 5.00 -36.02 -19.95
CA PRO A 15 6.44 -36.33 -19.86
C PRO A 15 7.03 -36.05 -18.48
N LEU A 16 6.57 -34.97 -17.83
CA LEU A 16 7.01 -34.64 -16.48
C LEU A 16 6.72 -35.77 -15.50
N ILE A 17 5.50 -36.29 -15.54
CA ILE A 17 5.09 -37.42 -14.69
C ILE A 17 5.94 -38.67 -14.94
N GLU A 18 6.21 -38.96 -16.21
CA GLU A 18 7.05 -40.09 -16.60
C GLU A 18 8.50 -39.92 -16.12
N GLN A 19 9.07 -38.74 -16.38
CA GLN A 19 10.45 -38.41 -16.00
C GLN A 19 10.66 -38.43 -14.48
N GLN A 20 9.70 -37.88 -13.74
CA GLN A 20 9.84 -37.70 -12.30
C GLN A 20 9.23 -38.82 -11.46
N LYS A 21 8.57 -39.76 -12.12
CA LYS A 21 7.90 -40.89 -11.45
C LYS A 21 6.87 -40.42 -10.43
N ILE A 22 6.06 -39.44 -10.84
CA ILE A 22 5.01 -38.86 -10.01
C ILE A 22 3.79 -39.78 -9.99
N PRO A 23 3.39 -40.25 -8.80
CA PRO A 23 2.25 -41.17 -8.68
C PRO A 23 0.90 -40.53 -9.04
N GLY A 24 0.69 -39.29 -8.59
CA GLY A 24 -0.56 -38.58 -8.85
C GLY A 24 -0.36 -37.09 -8.96
N MET A 25 -1.10 -36.47 -9.88
CA MET A 25 -0.94 -35.04 -10.15
C MET A 25 -2.27 -34.39 -10.53
N ALA A 26 -2.48 -33.18 -10.02
CA ALA A 26 -3.59 -32.34 -10.42
C ALA A 26 -3.04 -31.01 -10.91
N VAL A 27 -3.60 -30.50 -12.00
CA VAL A 27 -3.17 -29.23 -12.58
C VAL A 27 -4.39 -28.36 -12.90
N ALA A 28 -4.31 -27.10 -12.52
CA ALA A 28 -5.30 -26.11 -12.92
C ALA A 28 -4.62 -25.00 -13.71
N VAL A 29 -5.20 -24.67 -14.85
CA VAL A 29 -4.82 -23.46 -15.59
C VAL A 29 -5.98 -22.47 -15.47
N ILE A 30 -5.66 -21.28 -14.99
CA ILE A 30 -6.64 -20.21 -14.91
C ILE A 30 -6.39 -19.24 -16.07
N TYR A 31 -7.39 -19.11 -16.93
CA TYR A 31 -7.29 -18.33 -18.16
C TYR A 31 -8.49 -17.38 -18.26
N GLN A 32 -8.22 -16.09 -18.08
CA GLN A 32 -9.22 -15.03 -18.22
C GLN A 32 -10.47 -15.25 -17.35
N GLY A 33 -10.25 -15.56 -16.08
CA GLY A 33 -11.35 -15.76 -15.12
C GLY A 33 -11.95 -17.15 -15.13
N LYS A 34 -11.38 -18.04 -15.95
CA LYS A 34 -11.87 -19.41 -16.05
C LYS A 34 -10.78 -20.43 -15.67
N PRO A 35 -11.13 -21.38 -14.79
CA PRO A 35 -10.24 -22.50 -14.49
C PRO A 35 -10.47 -23.73 -15.38
N TYR A 36 -9.39 -24.45 -15.67
CA TYR A 36 -9.45 -25.70 -16.39
C TYR A 36 -8.62 -26.74 -15.65
N TYR A 37 -9.24 -27.89 -15.38
CA TYR A 37 -8.67 -28.89 -14.49
C TYR A 37 -8.20 -30.13 -15.24
N PHE A 38 -7.11 -30.70 -14.75
CA PHE A 38 -6.50 -31.89 -15.31
C PHE A 38 -5.96 -32.74 -14.18
N THR A 39 -6.20 -34.06 -14.24
CA THR A 39 -5.71 -34.98 -13.21
C THR A 39 -5.09 -36.24 -13.81
N TRP A 40 -4.12 -36.80 -13.10
CA TRP A 40 -3.42 -38.01 -13.52
C TRP A 40 -3.16 -38.92 -12.32
N GLY A 41 -3.17 -40.23 -12.57
CA GLY A 41 -2.67 -41.19 -11.59
C GLY A 41 -3.40 -41.27 -10.28
N TYR A 42 -2.62 -41.50 -9.21
CA TYR A 42 -3.16 -41.99 -7.96
C TYR A 42 -2.91 -41.13 -6.72
N ALA A 43 -3.99 -40.86 -6.00
CA ALA A 43 -3.94 -40.21 -4.69
C ALA A 43 -3.47 -41.22 -3.65
N ASP A 44 -3.89 -42.47 -3.83
CA ASP A 44 -3.51 -43.59 -2.97
C ASP A 44 -3.24 -44.80 -3.85
N ILE A 45 -1.98 -45.21 -3.91
CA ILE A 45 -1.55 -46.33 -4.75
C ILE A 45 -2.13 -47.66 -4.26
N ALA A 46 -1.94 -47.95 -2.97
CA ALA A 46 -2.39 -49.20 -2.36
C ALA A 46 -3.90 -49.44 -2.53
N LYS A 47 -4.69 -48.39 -2.29
CA LYS A 47 -6.15 -48.49 -2.34
C LYS A 47 -6.72 -48.13 -3.72
N LYS A 48 -5.84 -47.93 -4.70
CA LYS A 48 -6.20 -47.63 -6.09
C LYS A 48 -7.17 -46.44 -6.19
N GLN A 49 -6.90 -45.40 -5.42
CA GLN A 49 -7.72 -44.20 -5.41
C GLN A 49 -7.15 -43.18 -6.39
N PRO A 50 -7.95 -42.76 -7.39
CA PRO A 50 -7.49 -41.85 -8.42
C PRO A 50 -7.39 -40.42 -7.89
N VAL A 51 -6.55 -39.62 -8.53
CA VAL A 51 -6.53 -38.18 -8.30
C VAL A 51 -7.77 -37.58 -8.98
N THR A 52 -8.55 -36.84 -8.21
CA THR A 52 -9.73 -36.13 -8.73
C THR A 52 -9.58 -34.64 -8.45
N GLN A 53 -10.57 -33.86 -8.86
CA GLN A 53 -10.60 -32.43 -8.56
C GLN A 53 -10.92 -32.18 -7.07
N GLN A 54 -11.23 -33.26 -6.35
CA GLN A 54 -11.58 -33.19 -4.94
C GLN A 54 -10.51 -33.71 -3.97
N THR A 55 -9.43 -34.30 -4.49
N THR A 55 -9.43 -34.28 -4.50
CA THR A 55 -8.39 -34.83 -3.59
CA THR A 55 -8.35 -34.80 -3.67
C THR A 55 -7.55 -33.71 -2.99
C THR A 55 -7.55 -33.69 -2.99
N LEU A 56 -7.21 -33.89 -1.73
CA LEU A 56 -6.41 -32.94 -0.97
C LEU A 56 -4.94 -33.29 -1.09
N PHE A 57 -4.14 -32.27 -1.39
CA PHE A 57 -2.68 -32.37 -1.45
C PHE A 57 -2.09 -31.49 -0.37
N GLU A 58 -0.95 -31.90 0.19
CA GLU A 58 -0.20 -31.04 1.10
C GLU A 58 0.50 -29.96 0.29
N LEU A 59 0.22 -28.70 0.62
CA LEU A 59 0.79 -27.56 -0.10
C LEU A 59 2.21 -27.26 0.32
N GLY A 60 2.59 -27.71 1.52
CA GLY A 60 3.89 -27.35 2.08
C GLY A 60 4.01 -25.84 2.16
N SER A 61 5.13 -25.32 1.68
CA SER A 61 5.44 -23.89 1.78
C SER A 61 4.58 -22.94 0.93
N VAL A 62 3.74 -23.50 0.05
CA VAL A 62 2.73 -22.68 -0.63
C VAL A 62 1.76 -22.12 0.42
N SER A 63 1.71 -22.77 1.58
CA SER A 63 0.96 -22.27 2.74
C SER A 63 1.39 -20.86 3.15
N LYS A 64 2.66 -20.53 2.91
CA LYS A 64 3.22 -19.21 3.26
C LYS A 64 2.47 -18.06 2.57
N THR A 65 1.90 -18.33 1.40
CA THR A 65 1.09 -17.33 0.69
C THR A 65 -0.20 -17.02 1.45
N PHE A 66 -0.82 -18.05 2.03
CA PHE A 66 -1.99 -17.88 2.89
C PHE A 66 -1.63 -17.08 4.14
N THR A 67 -0.53 -17.45 4.78
CA THR A 67 -0.01 -16.75 5.96
C THR A 67 0.27 -15.27 5.64
N GLY A 68 0.93 -15.02 4.53
CA GLY A 68 1.22 -13.66 4.08
C GLY A 68 -0.03 -12.82 3.88
N VAL A 69 -1.04 -13.41 3.26
CA VAL A 69 -2.32 -12.74 3.01
C VAL A 69 -3.11 -12.48 4.29
N LEU A 70 -3.13 -13.47 5.19
CA LEU A 70 -3.78 -13.30 6.50
C LEU A 70 -3.12 -12.17 7.29
N GLY A 71 -1.79 -12.11 7.23
CA GLY A 71 -1.02 -11.03 7.83
C GLY A 71 -1.37 -9.68 7.23
N GLY A 72 -1.47 -9.64 5.90
CA GLY A 72 -1.91 -8.44 5.18
C GLY A 72 -3.29 -8.00 5.58
N ASP A 73 -4.20 -8.97 5.76
CA ASP A 73 -5.56 -8.71 6.21
C ASP A 73 -5.59 -8.08 7.60
N ALA A 74 -4.72 -8.58 8.47
CA ALA A 74 -4.57 -8.05 9.84
C ALA A 74 -4.04 -6.61 9.84
N ILE A 75 -3.14 -6.31 8.92
CA ILE A 75 -2.64 -4.94 8.71
C ILE A 75 -3.80 -4.06 8.29
N ALA A 76 -4.56 -4.52 7.29
CA ALA A 76 -5.72 -3.82 6.75
C ALA A 76 -6.79 -3.55 7.82
N ARG A 77 -6.90 -4.47 8.78
CA ARG A 77 -7.83 -4.35 9.88
C ARG A 77 -7.36 -3.36 10.96
N GLY A 78 -6.11 -2.92 10.85
CA GLY A 78 -5.51 -2.00 11.80
C GLY A 78 -5.03 -2.70 13.07
N GLU A 79 -4.96 -4.03 13.01
CA GLU A 79 -4.58 -4.86 14.15
C GLU A 79 -3.08 -4.91 14.38
N ILE A 80 -2.32 -4.97 13.29
CA ILE A 80 -0.85 -4.97 13.35
C ILE A 80 -0.28 -3.99 12.32
N LYS A 81 0.99 -3.65 12.48
CA LYS A 81 1.74 -2.91 11.47
C LYS A 81 3.05 -3.63 11.23
N LEU A 82 3.49 -3.69 9.97
CA LEU A 82 4.74 -4.35 9.63
C LEU A 82 5.96 -3.65 10.24
N SER A 83 5.79 -2.38 10.59
CA SER A 83 6.83 -1.59 11.25
C SER A 83 6.89 -1.85 12.76
N ASP A 84 5.90 -2.56 13.29
CA ASP A 84 5.86 -2.92 14.71
C ASP A 84 7.05 -3.79 15.11
N PRO A 85 7.67 -3.50 16.27
CA PRO A 85 8.68 -4.40 16.82
C PRO A 85 8.07 -5.75 17.16
N THR A 86 8.82 -6.83 16.95
CA THR A 86 8.38 -8.18 17.30
C THR A 86 7.91 -8.24 18.75
N THR A 87 8.61 -7.50 19.62
CA THR A 87 8.36 -7.49 21.06
C THR A 87 7.01 -6.90 21.46
N LYS A 88 6.41 -6.08 20.59
CA LYS A 88 5.09 -5.50 20.86
C LYS A 88 4.02 -6.59 21.03
N TYR A 89 4.18 -7.70 20.31
CA TYR A 89 3.21 -8.79 20.34
C TYR A 89 3.71 -10.01 21.11
N TRP A 90 5.00 -10.00 21.45
CA TRP A 90 5.60 -11.00 22.30
C TRP A 90 6.56 -10.30 23.27
N PRO A 91 6.03 -9.59 24.28
CA PRO A 91 6.89 -8.84 25.22
C PRO A 91 7.86 -9.70 26.03
N GLU A 92 7.60 -11.00 26.12
N GLU A 92 7.59 -10.99 26.12
CA GLU A 92 8.46 -11.94 26.83
CA GLU A 92 8.45 -11.96 26.82
C GLU A 92 9.74 -12.27 26.05
C GLU A 92 9.78 -12.15 26.09
N LEU A 93 9.82 -11.74 24.83
CA LEU A 93 11.02 -11.85 24.00
C LEU A 93 11.94 -10.67 24.35
N THR A 94 12.59 -10.77 25.50
CA THR A 94 13.35 -9.66 26.09
C THR A 94 14.83 -9.65 25.73
N ALA A 95 15.31 -10.75 25.15
CA ALA A 95 16.71 -10.85 24.73
C ALA A 95 17.06 -9.70 23.78
N LYS A 96 18.22 -9.09 24.05
CA LYS A 96 18.63 -7.85 23.36
C LYS A 96 18.62 -7.94 21.83
N GLN A 97 19.09 -9.06 21.28
CA GLN A 97 19.21 -9.22 19.82
C GLN A 97 17.91 -8.95 19.08
N TRP A 98 16.80 -8.91 19.81
CA TRP A 98 15.49 -8.67 19.23
C TRP A 98 15.14 -7.19 19.03
N ASN A 99 15.93 -6.29 19.63
CA ASN A 99 15.78 -4.86 19.43
CA ASN A 99 15.77 -4.86 19.43
C ASN A 99 16.03 -4.49 17.97
N GLY A 100 15.02 -3.95 17.31
CA GLY A 100 15.13 -3.59 15.89
C GLY A 100 14.58 -4.63 14.94
N ILE A 101 14.22 -5.80 15.45
CA ILE A 101 13.58 -6.82 14.61
C ILE A 101 12.07 -6.62 14.59
N THR A 102 11.56 -6.27 13.41
CA THR A 102 10.15 -5.94 13.22
C THR A 102 9.37 -7.10 12.61
N LEU A 103 8.04 -6.97 12.58
CA LEU A 103 7.17 -7.94 11.93
C LEU A 103 7.50 -8.08 10.44
N LEU A 104 7.93 -6.98 9.82
CA LEU A 104 8.38 -7.01 8.42
C LEU A 104 9.53 -7.99 8.23
N HIS A 105 10.54 -7.89 9.09
CA HIS A 105 11.72 -8.77 9.02
C HIS A 105 11.32 -10.24 9.14
N LEU A 106 10.42 -10.55 10.06
CA LEU A 106 9.92 -11.91 10.25
C LEU A 106 9.19 -12.42 9.00
N ALA A 107 8.29 -11.58 8.48
CA ALA A 107 7.49 -11.93 7.31
C ALA A 107 8.31 -12.16 6.04
N THR A 108 9.46 -11.49 5.94
CA THR A 108 10.24 -11.47 4.71
C THR A 108 11.62 -12.14 4.81
N TYR A 109 11.84 -12.90 5.89
CA TYR A 109 13.09 -13.67 6.09
C TYR A 109 14.34 -12.80 6.26
N THR A 110 14.16 -11.56 6.72
CA THR A 110 15.27 -10.61 6.80
C THR A 110 15.63 -10.21 8.24
N ALA A 111 15.29 -11.07 9.20
CA ALA A 111 15.50 -10.78 10.63
C ALA A 111 16.96 -10.89 11.07
N GLY A 112 17.79 -11.54 10.26
CA GLY A 112 19.21 -11.72 10.58
C GLY A 112 19.61 -13.17 10.68
N GLY A 113 18.94 -14.03 9.92
CA GLY A 113 19.29 -15.44 9.83
C GLY A 113 18.59 -16.34 10.83
N LEU A 114 17.29 -16.14 11.01
CA LEU A 114 16.47 -17.09 11.75
C LEU A 114 16.54 -18.45 11.05
N PRO A 115 16.62 -19.55 11.84
CA PRO A 115 16.83 -20.89 11.28
C PRO A 115 15.75 -21.32 10.29
N LEU A 116 16.14 -22.14 9.32
CA LEU A 116 15.23 -22.61 8.27
C LEU A 116 14.09 -23.44 8.86
N GLN A 117 14.42 -24.25 9.88
CA GLN A 117 13.46 -25.12 10.53
C GLN A 117 13.48 -24.89 12.03
N VAL A 118 12.31 -25.02 12.66
CA VAL A 118 12.21 -25.12 14.10
C VAL A 118 12.61 -26.56 14.45
N PRO A 119 13.55 -26.74 15.41
CA PRO A 119 13.97 -28.09 15.78
C PRO A 119 12.80 -28.94 16.27
N ASP A 120 12.83 -30.23 15.94
CA ASP A 120 11.79 -31.18 16.35
C ASP A 120 11.69 -31.27 17.87
N GLU A 121 12.77 -30.90 18.56
CA GLU A 121 12.84 -30.90 20.02
C GLU A 121 11.89 -29.88 20.64
N VAL A 122 11.59 -28.81 19.90
CA VAL A 122 10.64 -27.79 20.33
C VAL A 122 9.21 -28.37 20.24
N LYS A 123 8.68 -28.76 21.39
CA LYS A 123 7.39 -29.45 21.47
C LYS A 123 6.34 -28.63 22.22
N SER A 124 6.79 -27.83 23.18
CA SER A 124 5.89 -26.99 23.98
C SER A 124 6.07 -25.51 23.63
N SER A 125 5.21 -24.66 24.19
CA SER A 125 5.28 -23.22 23.93
C SER A 125 6.43 -22.55 24.70
N SER A 126 6.82 -23.14 25.84
CA SER A 126 7.99 -22.67 26.58
C SER A 126 9.28 -23.03 25.85
N ASP A 127 9.25 -24.18 25.16
CA ASP A 127 10.33 -24.59 24.26
C ASP A 127 10.53 -23.56 23.15
N LEU A 128 9.41 -23.03 22.64
CA LEU A 128 9.42 -22.08 21.54
C LEU A 128 9.99 -20.72 21.95
N LEU A 129 9.59 -20.22 23.12
CA LEU A 129 10.14 -18.98 23.66
C LEU A 129 11.65 -19.10 23.87
N ARG A 130 12.07 -20.23 24.47
CA ARG A 130 13.48 -20.53 24.67
C ARG A 130 14.26 -20.47 23.36
N PHE A 131 13.69 -21.09 22.33
CA PHE A 131 14.29 -21.14 20.99
C PHE A 131 14.58 -19.75 20.42
N TYR A 132 13.57 -18.88 20.43
CA TYR A 132 13.73 -17.53 19.89
C TYR A 132 14.58 -16.62 20.77
N GLN A 133 14.48 -16.80 22.09
CA GLN A 133 15.31 -16.07 23.05
C GLN A 133 16.80 -16.39 22.89
N ASN A 134 17.11 -17.67 22.69
CA ASN A 134 18.49 -18.14 22.62
C ASN A 134 19.14 -18.04 21.24
N TRP A 135 18.31 -17.83 20.22
CA TRP A 135 18.79 -17.67 18.84
C TRP A 135 19.71 -16.45 18.71
N GLN A 136 20.87 -16.66 18.08
N GLN A 136 20.88 -16.66 18.09
CA GLN A 136 21.82 -15.57 17.85
CA GLN A 136 21.82 -15.57 17.86
C GLN A 136 21.92 -15.22 16.37
C GLN A 136 21.92 -15.23 16.38
N PRO A 137 21.46 -14.02 16.00
CA PRO A 137 21.56 -13.53 14.61
C PRO A 137 23.01 -13.38 14.18
N ALA A 138 23.30 -13.81 12.95
CA ALA A 138 24.64 -13.65 12.40
C ALA A 138 24.76 -12.28 11.73
N TRP A 139 23.61 -11.68 11.40
CA TRP A 139 23.58 -10.41 10.69
C TRP A 139 22.61 -9.43 11.35
N ALA A 140 22.86 -8.14 11.13
CA ALA A 140 21.95 -7.07 11.55
C ALA A 140 20.62 -7.22 10.81
N PRO A 141 19.51 -6.75 11.42
CA PRO A 141 18.21 -6.90 10.76
C PRO A 141 18.15 -6.13 9.44
N GLY A 142 17.45 -6.70 8.47
CA GLY A 142 17.25 -6.07 7.17
C GLY A 142 18.48 -5.93 6.30
N THR A 143 19.43 -6.86 6.45
CA THR A 143 20.64 -6.84 5.62
C THR A 143 20.72 -8.04 4.68
N GLN A 144 20.29 -9.21 5.15
CA GLN A 144 20.30 -10.42 4.34
C GLN A 144 18.98 -11.21 4.42
N ARG A 145 18.64 -11.85 3.31
CA ARG A 145 17.49 -12.73 3.24
C ARG A 145 17.93 -14.18 3.43
N LEU A 146 17.29 -14.86 4.38
CA LEU A 146 17.49 -16.30 4.54
C LEU A 146 16.14 -16.96 4.73
N TYR A 147 15.62 -17.53 3.63
CA TYR A 147 14.35 -18.25 3.61
C TYR A 147 14.25 -19.18 4.82
N ALA A 148 13.17 -19.04 5.59
CA ALA A 148 13.06 -19.74 6.88
C ALA A 148 11.63 -19.94 7.35
N ASN A 149 11.32 -21.16 7.79
CA ASN A 149 10.03 -21.46 8.43
C ASN A 149 9.87 -20.71 9.76
N SER A 150 10.94 -20.64 10.53
CA SER A 150 10.91 -20.01 11.86
C SER A 150 10.70 -18.50 11.80
N SER A 151 10.93 -17.93 10.63
CA SER A 151 10.77 -16.49 10.41
C SER A 151 9.31 -16.14 10.12
N ILE A 152 8.80 -16.58 8.98
CA ILE A 152 7.40 -16.30 8.59
C ILE A 152 6.41 -17.06 9.49
N GLY A 153 6.83 -18.21 10.01
CA GLY A 153 6.02 -18.97 10.97
C GLY A 153 5.69 -18.13 12.20
N LEU A 154 6.70 -17.45 12.73
CA LEU A 154 6.50 -16.56 13.87
C LEU A 154 5.65 -15.34 13.50
N PHE A 155 5.88 -14.79 12.31
CA PHE A 155 5.06 -13.69 11.80
C PHE A 155 3.58 -14.06 11.80
N GLY A 156 3.27 -15.25 11.30
CA GLY A 156 1.90 -15.77 11.27
C GLY A 156 1.25 -15.80 12.63
N ALA A 157 1.96 -16.39 13.60
CA ALA A 157 1.44 -16.55 14.96
C ALA A 157 1.21 -15.22 15.67
N LEU A 158 2.11 -14.26 15.44
CA LEU A 158 2.02 -12.94 16.07
C LEU A 158 1.00 -12.04 15.39
N ALA A 159 0.86 -12.19 14.07
CA ALA A 159 -0.10 -11.39 13.29
C ALA A 159 -1.54 -11.53 13.77
N VAL A 160 -1.88 -12.71 14.32
CA VAL A 160 -3.25 -12.97 14.76
C VAL A 160 -3.50 -12.69 16.24
N LYS A 161 -2.46 -12.31 16.98
CA LYS A 161 -2.57 -12.12 18.42
CA LYS A 161 -2.54 -12.10 18.42
C LYS A 161 -3.58 -11.04 18.84
N PRO A 162 -3.57 -9.85 18.18
CA PRO A 162 -4.60 -8.88 18.57
C PRO A 162 -6.06 -9.34 18.34
N SER A 163 -6.29 -10.15 17.31
CA SER A 163 -7.63 -10.67 17.00
C SER A 163 -8.20 -11.56 18.11
N GLY A 164 -7.33 -12.17 18.90
N GLY A 164 -7.32 -12.16 18.89
CA GLY A 164 -7.74 -13.09 19.95
CA GLY A 164 -7.70 -13.10 19.95
C GLY A 164 -8.16 -14.44 19.43
C GLY A 164 -7.95 -14.50 19.43
N LEU A 165 -8.08 -14.62 18.11
CA LEU A 165 -8.39 -15.89 17.47
C LEU A 165 -7.13 -16.74 17.34
N SER A 166 -7.29 -18.05 17.39
CA SER A 166 -6.21 -18.96 17.06
C SER A 166 -5.85 -18.75 15.60
N PHE A 167 -4.64 -19.12 15.21
CA PHE A 167 -4.21 -18.98 13.82
C PHE A 167 -5.18 -19.68 12.87
N GLU A 168 -5.58 -20.90 13.22
CA GLU A 168 -6.51 -21.68 12.42
C GLU A 168 -7.88 -20.99 12.29
N GLN A 169 -8.44 -20.55 13.42
CA GLN A 169 -9.74 -19.85 13.41
C GLN A 169 -9.66 -18.61 12.53
N ALA A 170 -8.60 -17.82 12.71
CA ALA A 170 -8.40 -16.59 11.95
C ALA A 170 -8.32 -16.85 10.45
N MET A 171 -7.54 -17.87 10.08
CA MET A 171 -7.39 -18.26 8.68
C MET A 171 -8.71 -18.74 8.07
N GLN A 172 -9.45 -19.58 8.81
CA GLN A 172 -10.76 -20.06 8.36
C GLN A 172 -11.74 -18.90 8.18
N THR A 173 -11.86 -18.07 9.22
CA THR A 173 -12.85 -16.99 9.25
C THR A 173 -12.54 -15.83 8.29
N ARG A 174 -11.25 -15.50 8.13
CA ARG A 174 -10.85 -14.28 7.43
C ARG A 174 -10.35 -14.49 6.00
N VAL A 175 -9.93 -15.71 5.68
CA VAL A 175 -9.41 -16.02 4.35
C VAL A 175 -10.21 -17.14 3.66
N PHE A 176 -10.25 -18.32 4.27
CA PHE A 176 -10.90 -19.49 3.64
C PHE A 176 -12.40 -19.28 3.36
N GLN A 177 -13.16 -18.91 4.39
N GLN A 177 -13.15 -18.91 4.41
CA GLN A 177 -14.61 -18.75 4.26
CA GLN A 177 -14.60 -18.71 4.33
C GLN A 177 -15.05 -17.63 3.30
C GLN A 177 -15.02 -17.64 3.30
N PRO A 178 -14.46 -16.42 3.40
CA PRO A 178 -14.83 -15.34 2.46
C PRO A 178 -14.51 -15.65 0.99
N LEU A 179 -13.45 -16.41 0.75
CA LEU A 179 -13.05 -16.76 -0.61
C LEU A 179 -13.68 -18.06 -1.10
N LYS A 180 -14.56 -18.64 -0.28
CA LYS A 180 -15.29 -19.87 -0.61
C LYS A 180 -14.35 -21.07 -0.81
N LEU A 181 -13.27 -21.10 -0.05
CA LEU A 181 -12.34 -22.22 -0.05
C LEU A 181 -12.83 -23.21 1.00
N ASN A 182 -13.80 -24.03 0.61
CA ASN A 182 -14.51 -24.90 1.54
C ASN A 182 -13.89 -26.30 1.66
N HIS A 183 -12.79 -26.51 0.95
CA HIS A 183 -12.06 -27.78 1.01
C HIS A 183 -10.56 -27.51 1.15
N THR A 184 -10.26 -26.48 1.94
CA THR A 184 -8.90 -26.11 2.29
C THR A 184 -8.78 -26.13 3.81
N TRP A 185 -7.76 -26.85 4.31
CA TRP A 185 -7.67 -27.18 5.73
C TRP A 185 -6.26 -27.04 6.27
N ILE A 186 -6.16 -26.57 7.50
CA ILE A 186 -4.91 -26.63 8.26
C ILE A 186 -4.85 -27.99 8.94
N ASN A 187 -6.00 -28.46 9.42
CA ASN A 187 -6.16 -29.80 9.95
C ASN A 187 -7.25 -30.53 9.20
N VAL A 188 -6.89 -31.61 8.50
CA VAL A 188 -7.85 -32.35 7.69
C VAL A 188 -8.91 -33.00 8.58
N PRO A 189 -10.19 -32.63 8.38
CA PRO A 189 -11.27 -33.18 9.18
C PRO A 189 -11.55 -34.63 8.79
N PRO A 190 -12.04 -35.46 9.74
CA PRO A 190 -12.43 -36.83 9.46
C PRO A 190 -13.32 -37.00 8.21
N ALA A 191 -14.19 -36.03 7.96
CA ALA A 191 -15.11 -36.05 6.82
C ALA A 191 -14.40 -36.01 5.48
N GLU A 192 -13.20 -35.43 5.45
CA GLU A 192 -12.46 -35.22 4.22
C GLU A 192 -11.29 -36.19 4.06
N GLU A 193 -11.14 -37.13 4.99
CA GLU A 193 -9.99 -38.06 4.98
C GLU A 193 -9.96 -38.97 3.75
N LYS A 194 -11.14 -39.33 3.26
CA LYS A 194 -11.27 -40.14 2.04
C LYS A 194 -10.65 -39.45 0.82
N ASN A 195 -10.57 -38.12 0.87
CA ASN A 195 -10.01 -37.32 -0.23
C ASN A 195 -8.55 -36.93 -0.04
N TYR A 196 -7.99 -37.22 1.13
CA TYR A 196 -6.63 -36.84 1.47
C TYR A 196 -5.63 -37.80 0.82
N ALA A 197 -4.90 -37.29 -0.17
CA ALA A 197 -3.89 -38.07 -0.87
C ALA A 197 -2.74 -38.43 0.05
N TRP A 198 -2.13 -39.59 -0.19
CA TRP A 198 -0.89 -39.95 0.47
C TRP A 198 0.26 -39.38 -0.33
N GLY A 199 1.25 -38.83 0.38
CA GLY A 199 2.50 -38.43 -0.24
C GLY A 199 3.37 -39.66 -0.40
N TYR A 200 4.33 -39.60 -1.31
CA TYR A 200 5.23 -40.73 -1.51
C TYR A 200 6.69 -40.32 -1.47
N ARG A 201 7.41 -40.88 -0.51
CA ARG A 201 8.84 -40.63 -0.35
C ARG A 201 9.57 -41.96 -0.27
N GLU A 202 10.51 -42.16 -1.19
CA GLU A 202 11.25 -43.42 -1.35
C GLU A 202 10.30 -44.62 -1.44
N GLY A 203 9.17 -44.42 -2.12
CA GLY A 203 8.17 -45.47 -2.32
C GLY A 203 7.22 -45.71 -1.15
N LYS A 204 7.41 -44.97 -0.06
CA LYS A 204 6.56 -45.10 1.12
C LYS A 204 5.45 -44.05 1.13
N ALA A 205 4.28 -44.42 1.64
CA ALA A 205 3.18 -43.49 1.84
C ALA A 205 3.40 -42.66 3.10
N VAL A 206 3.43 -41.34 2.95
CA VAL A 206 3.69 -40.44 4.07
C VAL A 206 2.78 -39.21 4.09
N HIS A 207 2.51 -38.71 5.30
CA HIS A 207 1.87 -37.42 5.51
C HIS A 207 2.80 -36.54 6.34
N VAL A 208 2.63 -35.22 6.24
CA VAL A 208 3.42 -34.27 7.03
C VAL A 208 3.28 -34.55 8.52
N SER A 209 4.41 -34.52 9.24
CA SER A 209 4.41 -34.71 10.68
C SER A 209 4.12 -33.38 11.39
N PRO A 210 3.46 -33.44 12.56
CA PRO A 210 3.25 -32.21 13.33
C PRO A 210 4.57 -31.62 13.81
N GLY A 211 4.60 -30.29 13.89
CA GLY A 211 5.78 -29.56 14.36
C GLY A 211 5.37 -28.17 14.80
N ALA A 212 6.26 -27.50 15.53
CA ALA A 212 6.00 -26.14 15.99
C ALA A 212 5.86 -25.19 14.81
N LEU A 213 4.82 -24.33 14.88
CA LEU A 213 4.50 -23.37 13.82
C LEU A 213 4.28 -24.01 12.44
N ASP A 214 3.77 -25.25 12.42
CA ASP A 214 3.53 -25.96 11.16
C ASP A 214 2.40 -25.34 10.35
N ALA A 215 1.29 -25.01 11.02
CA ALA A 215 0.14 -24.36 10.37
C ALA A 215 0.56 -23.09 9.65
N GLU A 216 1.41 -22.31 10.33
CA GLU A 216 1.82 -20.99 9.88
C GLU A 216 2.84 -21.04 8.73
N ALA A 217 3.65 -22.10 8.68
CA ALA A 217 4.76 -22.17 7.73
C ALA A 217 4.54 -23.13 6.56
N TYR A 218 3.86 -24.25 6.80
CA TYR A 218 3.76 -25.32 5.80
C TYR A 218 2.56 -26.27 5.95
N GLY A 219 1.55 -25.86 6.70
CA GLY A 219 0.51 -26.78 7.14
C GLY A 219 -0.81 -26.90 6.38
N VAL A 220 -0.96 -26.14 5.30
CA VAL A 220 -2.24 -26.11 4.58
C VAL A 220 -2.36 -27.28 3.59
N LYS A 221 -3.55 -27.88 3.54
CA LYS A 221 -3.90 -28.89 2.54
C LYS A 221 -5.10 -28.40 1.74
N SER A 222 -5.09 -28.66 0.44
CA SER A 222 -6.13 -28.12 -0.45
C SER A 222 -6.38 -28.96 -1.70
N THR A 223 -7.50 -28.69 -2.35
CA THR A 223 -7.85 -29.32 -3.63
C THR A 223 -7.38 -28.44 -4.79
N ILE A 224 -7.37 -29.01 -5.99
CA ILE A 224 -7.01 -28.25 -7.19
C ILE A 224 -8.03 -27.14 -7.47
N GLU A 225 -9.29 -27.40 -7.14
CA GLU A 225 -10.37 -26.44 -7.34
C GLU A 225 -10.22 -25.22 -6.43
N ASP A 226 -9.99 -25.47 -5.14
CA ASP A 226 -9.77 -24.41 -4.18
C ASP A 226 -8.50 -23.61 -4.49
N MET A 227 -7.45 -24.31 -4.91
CA MET A 227 -6.19 -23.65 -5.26
C MET A 227 -6.32 -22.78 -6.51
N ALA A 228 -7.10 -23.24 -7.48
CA ALA A 228 -7.45 -22.43 -8.65
C ALA A 228 -8.17 -21.16 -8.21
N ARG A 229 -9.11 -21.32 -7.28
CA ARG A 229 -9.85 -20.20 -6.71
C ARG A 229 -8.93 -19.23 -5.96
N TRP A 230 -7.95 -19.80 -5.24
CA TRP A 230 -6.93 -19.02 -4.52
C TRP A 230 -6.11 -18.17 -5.49
N VAL A 231 -5.67 -18.77 -6.59
CA VAL A 231 -4.92 -18.06 -7.64
C VAL A 231 -5.74 -16.93 -8.25
N GLN A 232 -7.00 -17.22 -8.59
CA GLN A 232 -7.89 -16.22 -9.18
C GLN A 232 -8.09 -15.03 -8.22
N SER A 233 -8.23 -15.33 -6.94
CA SER A 233 -8.37 -14.31 -5.90
C SER A 233 -7.14 -13.40 -5.83
N ASN A 234 -5.96 -13.99 -5.98
CA ASN A 234 -4.70 -13.24 -5.97
C ASN A 234 -4.41 -12.54 -7.29
N LEU A 235 -4.88 -13.13 -8.40
CA LEU A 235 -4.79 -12.52 -9.72
C LEU A 235 -5.62 -11.24 -9.81
N LYS A 236 -6.83 -11.29 -9.26
CA LYS A 236 -7.78 -10.19 -9.37
C LYS A 236 -8.41 -9.86 -8.02
N PRO A 237 -7.63 -9.20 -7.12
CA PRO A 237 -8.11 -8.91 -5.78
C PRO A 237 -9.21 -7.87 -5.72
N LEU A 238 -9.35 -7.06 -6.77
CA LEU A 238 -10.38 -6.02 -6.83
C LEU A 238 -11.81 -6.61 -6.90
N ASP A 239 -11.91 -7.87 -7.29
CA ASP A 239 -13.20 -8.59 -7.32
C ASP A 239 -13.66 -9.05 -5.93
N ILE A 240 -12.77 -8.97 -4.95
CA ILE A 240 -13.06 -9.46 -3.60
C ILE A 240 -13.86 -8.43 -2.78
N ASN A 241 -15.00 -8.87 -2.26
CA ASN A 241 -15.95 -8.01 -1.58
C ASN A 241 -15.52 -7.54 -0.20
N GLU A 242 -14.81 -8.40 0.54
CA GLU A 242 -14.32 -8.07 1.87
C GLU A 242 -13.15 -7.11 1.75
N LYS A 243 -13.35 -5.88 2.23
CA LYS A 243 -12.40 -4.78 2.07
C LYS A 243 -10.99 -5.12 2.55
N THR A 244 -10.88 -5.59 3.80
CA THR A 244 -9.58 -5.86 4.41
C THR A 244 -8.86 -7.04 3.77
N LEU A 245 -9.63 -8.00 3.28
CA LEU A 245 -9.07 -9.15 2.56
C LEU A 245 -8.52 -8.73 1.20
N GLN A 246 -9.28 -7.91 0.48
CA GLN A 246 -8.82 -7.32 -0.79
C GLN A 246 -7.50 -6.59 -0.59
N GLN A 247 -7.45 -5.75 0.44
CA GLN A 247 -6.26 -4.98 0.80
C GLN A 247 -5.12 -5.90 1.23
N GLY A 248 -5.45 -6.93 2.01
CA GLY A 248 -4.48 -7.92 2.47
C GLY A 248 -3.76 -8.63 1.34
N ILE A 249 -4.53 -9.03 0.33
CA ILE A 249 -3.97 -9.65 -0.87
C ILE A 249 -3.01 -8.70 -1.60
N GLN A 250 -3.40 -7.43 -1.71
N GLN A 250 -3.41 -7.44 -1.71
CA GLN A 250 -2.56 -6.41 -2.35
CA GLN A 250 -2.58 -6.38 -2.32
C GLN A 250 -1.24 -6.18 -1.62
C GLN A 250 -1.24 -6.26 -1.62
N LEU A 251 -1.29 -6.23 -0.29
CA LEU A 251 -0.09 -6.05 0.55
C LEU A 251 0.88 -7.23 0.48
N ALA A 252 0.35 -8.43 0.24
CA ALA A 252 1.17 -9.63 0.10
C ALA A 252 2.00 -9.62 -1.19
N GLN A 253 1.52 -8.89 -2.20
CA GLN A 253 2.21 -8.77 -3.49
C GLN A 253 3.05 -7.49 -3.62
N SER A 254 3.12 -6.71 -2.55
CA SER A 254 4.01 -5.56 -2.51
C SER A 254 5.46 -6.03 -2.50
N ARG A 255 6.35 -5.23 -3.09
CA ARG A 255 7.76 -5.59 -3.19
C ARG A 255 8.56 -4.91 -2.08
N TYR A 256 8.99 -5.71 -1.11
CA TYR A 256 9.62 -5.18 0.11
C TYR A 256 11.14 -5.20 0.04
N TRP A 257 11.68 -6.23 -0.60
CA TRP A 257 13.13 -6.41 -0.74
C TRP A 257 13.45 -6.94 -2.13
N GLN A 258 14.65 -6.64 -2.61
CA GLN A 258 15.14 -7.19 -3.87
C GLN A 258 16.44 -7.97 -3.66
N THR A 259 16.46 -9.22 -4.09
CA THR A 259 17.68 -10.02 -4.16
C THR A 259 17.80 -10.63 -5.56
N GLY A 260 18.78 -10.13 -6.31
CA GLY A 260 18.95 -10.50 -7.71
C GLY A 260 17.78 -10.00 -8.55
N ASP A 261 17.13 -10.94 -9.24
CA ASP A 261 15.97 -10.64 -10.07
C ASP A 261 14.63 -10.81 -9.33
N MET A 262 14.71 -11.22 -8.06
N MET A 262 14.71 -11.23 -8.06
CA MET A 262 13.51 -11.55 -7.29
CA MET A 262 13.52 -11.55 -7.27
C MET A 262 13.17 -10.48 -6.25
C MET A 262 13.17 -10.46 -6.26
N TYR A 263 11.86 -10.22 -6.11
CA TYR A 263 11.34 -9.29 -5.12
C TYR A 263 10.52 -10.07 -4.09
N GLN A 264 10.76 -9.81 -2.82
CA GLN A 264 10.08 -10.53 -1.73
C GLN A 264 8.79 -9.83 -1.32
N GLY A 265 7.68 -10.57 -1.38
CA GLY A 265 6.40 -10.10 -0.85
C GLY A 265 6.13 -10.76 0.49
N LEU A 266 4.86 -10.80 0.89
CA LEU A 266 4.46 -11.55 2.07
C LEU A 266 4.03 -12.94 1.62
N GLY A 267 4.93 -13.90 1.74
CA GLY A 267 4.70 -15.25 1.25
C GLY A 267 5.03 -15.34 -0.23
N TRP A 268 4.30 -14.59 -1.05
CA TRP A 268 4.54 -14.53 -2.48
C TRP A 268 5.93 -13.98 -2.79
N GLU A 269 6.48 -14.45 -3.90
CA GLU A 269 7.72 -13.93 -4.45
C GLU A 269 7.45 -13.51 -5.89
N MET A 270 8.14 -12.47 -6.36
CA MET A 270 7.85 -11.88 -7.65
C MET A 270 9.11 -11.61 -8.47
N LEU A 271 8.97 -11.73 -9.79
CA LEU A 271 9.97 -11.27 -10.75
C LEU A 271 9.23 -10.51 -11.84
N ASP A 272 9.91 -9.57 -12.48
CA ASP A 272 9.30 -8.83 -13.58
C ASP A 272 9.06 -9.74 -14.80
N TRP A 273 7.86 -9.64 -15.36
CA TRP A 273 7.52 -10.34 -16.59
C TRP A 273 7.70 -9.37 -17.77
N PRO A 274 8.31 -9.81 -18.88
CA PRO A 274 8.78 -11.17 -19.20
C PRO A 274 10.06 -11.61 -18.49
N VAL A 275 10.17 -12.93 -18.29
CA VAL A 275 11.36 -13.55 -17.68
C VAL A 275 11.45 -15.01 -18.12
N ASN A 276 12.67 -15.51 -18.29
CA ASN A 276 12.92 -16.89 -18.70
C ASN A 276 13.04 -17.84 -17.49
N PRO A 277 12.72 -19.14 -17.69
CA PRO A 277 12.75 -20.11 -16.58
C PRO A 277 14.06 -20.21 -15.82
N ASP A 278 15.20 -20.08 -16.51
N ASP A 278 15.20 -20.08 -16.52
CA ASP A 278 16.51 -20.17 -15.88
CA ASP A 278 16.52 -20.15 -15.88
C ASP A 278 16.77 -19.01 -14.90
C ASP A 278 16.74 -19.02 -14.88
N SER A 279 16.15 -17.86 -15.16
CA SER A 279 16.23 -16.72 -14.25
C SER A 279 15.27 -16.89 -13.06
N ILE A 280 14.14 -17.55 -13.30
CA ILE A 280 13.18 -17.86 -12.23
C ILE A 280 13.78 -18.89 -11.26
N ILE A 281 14.35 -19.95 -11.82
CA ILE A 281 15.04 -20.99 -11.03
C ILE A 281 16.19 -20.40 -10.22
N ASN A 282 16.99 -19.53 -10.85
CA ASN A 282 18.07 -18.83 -10.15
C ASN A 282 17.58 -17.88 -9.06
N GLY A 283 16.37 -17.36 -9.23
CA GLY A 283 15.74 -16.50 -8.23
C GLY A 283 14.87 -17.25 -7.25
N SER A 284 15.07 -18.56 -7.16
CA SER A 284 14.25 -19.43 -6.31
C SER A 284 15.07 -20.20 -5.27
N ASP A 285 14.45 -20.47 -4.12
CA ASP A 285 15.00 -21.40 -3.14
C ASP A 285 14.49 -22.79 -3.52
N ASN A 286 15.32 -23.54 -4.23
CA ASN A 286 14.91 -24.84 -4.78
C ASN A 286 14.72 -25.93 -3.71
N LYS A 287 15.43 -25.78 -2.60
CA LYS A 287 15.34 -26.70 -1.47
C LYS A 287 15.44 -25.89 -0.17
N ILE A 288 14.93 -26.43 0.92
CA ILE A 288 15.13 -25.84 2.24
C ILE A 288 16.59 -26.06 2.66
N ALA A 289 17.49 -25.31 2.04
CA ALA A 289 18.92 -25.40 2.29
C ALA A 289 19.51 -24.01 2.22
N LEU A 290 20.44 -23.73 3.13
CA LEU A 290 20.99 -22.40 3.35
C LEU A 290 21.40 -21.69 2.07
N ALA A 291 20.72 -20.58 1.78
CA ALA A 291 21.12 -19.67 0.72
C ALA A 291 21.00 -18.24 1.24
N ALA A 292 22.09 -17.75 1.81
CA ALA A 292 22.13 -16.39 2.37
C ALA A 292 22.44 -15.38 1.27
N ARG A 293 21.55 -14.40 1.12
CA ARG A 293 21.69 -13.36 0.10
C ARG A 293 21.51 -11.96 0.68
N PRO A 294 22.44 -11.04 0.38
CA PRO A 294 22.22 -9.63 0.70
C PRO A 294 20.96 -9.12 0.01
N VAL A 295 20.15 -8.35 0.74
CA VAL A 295 18.96 -7.72 0.16
C VAL A 295 19.08 -6.21 0.07
N LYS A 296 18.43 -5.64 -0.93
CA LYS A 296 18.30 -4.20 -1.06
C LYS A 296 16.87 -3.81 -0.71
N ALA A 297 16.73 -2.97 0.32
CA ALA A 297 15.43 -2.50 0.76
C ALA A 297 14.75 -1.69 -0.33
N ILE A 298 13.47 -1.97 -0.56
CA ILE A 298 12.67 -1.16 -1.48
C ILE A 298 11.89 -0.17 -0.62
N THR A 299 12.32 1.10 -0.69
CA THR A 299 11.91 2.12 0.26
C THR A 299 11.22 3.29 -0.44
N PRO A 300 9.87 3.35 -0.37
CA PRO A 300 8.95 2.39 0.25
C PRO A 300 8.64 1.23 -0.69
N PRO A 301 8.00 0.16 -0.18
CA PRO A 301 7.65 -0.98 -1.03
C PRO A 301 6.79 -0.60 -2.22
N THR A 302 7.14 -1.17 -3.38
CA THR A 302 6.37 -0.99 -4.60
C THR A 302 5.06 -1.78 -4.49
N PRO A 303 3.92 -1.12 -4.75
CA PRO A 303 2.63 -1.82 -4.74
C PRO A 303 2.61 -2.91 -5.81
N ALA A 304 1.74 -3.91 -5.62
CA ALA A 304 1.64 -5.04 -6.54
C ALA A 304 1.79 -4.63 -8.01
N VAL A 305 2.82 -5.19 -8.65
CA VAL A 305 3.09 -4.91 -10.06
C VAL A 305 2.37 -5.94 -10.94
N ARG A 306 1.53 -5.45 -11.84
CA ARG A 306 0.72 -6.32 -12.71
C ARG A 306 1.56 -7.20 -13.65
N ALA A 307 2.62 -6.63 -14.22
CA ALA A 307 3.53 -7.37 -15.08
C ALA A 307 4.57 -8.13 -14.26
N SER A 308 4.11 -9.14 -13.52
CA SER A 308 4.99 -9.94 -12.68
C SER A 308 4.71 -11.43 -12.83
N TRP A 309 5.77 -12.21 -12.71
CA TRP A 309 5.65 -13.64 -12.48
C TRP A 309 5.60 -13.78 -10.96
N VAL A 310 4.39 -14.01 -10.44
CA VAL A 310 4.21 -14.18 -9.00
C VAL A 310 4.08 -15.66 -8.71
N HIS A 311 4.90 -16.16 -7.78
CA HIS A 311 4.97 -17.61 -7.54
C HIS A 311 5.37 -18.03 -6.13
N LYS A 312 5.17 -19.32 -5.84
CA LYS A 312 5.66 -19.97 -4.63
C LYS A 312 5.74 -21.48 -4.84
N THR A 313 6.85 -22.07 -4.40
CA THR A 313 7.05 -23.52 -4.41
CA THR A 313 7.03 -23.51 -4.42
C THR A 313 6.78 -24.08 -3.02
N GLY A 314 6.39 -25.35 -2.97
CA GLY A 314 6.18 -26.05 -1.70
C GLY A 314 6.49 -27.52 -1.84
N ALA A 315 7.05 -28.11 -0.78
CA ALA A 315 7.45 -29.51 -0.82
C ALA A 315 7.62 -30.13 0.57
N THR A 316 6.56 -30.72 1.08
CA THR A 316 6.65 -31.58 2.26
C THR A 316 7.41 -32.85 1.87
N GLY A 317 7.62 -33.75 2.83
CA GLY A 317 8.34 -35.00 2.60
C GLY A 317 7.83 -35.80 1.42
N GLY A 318 6.51 -35.84 1.24
CA GLY A 318 5.90 -36.64 0.19
C GLY A 318 5.12 -35.90 -0.89
N PHE A 319 5.16 -34.56 -0.87
CA PHE A 319 4.42 -33.76 -1.85
C PHE A 319 5.28 -32.68 -2.50
N GLY A 320 4.90 -32.28 -3.71
CA GLY A 320 5.54 -31.16 -4.42
C GLY A 320 4.48 -30.27 -5.03
N SER A 321 4.45 -29.01 -4.62
CA SER A 321 3.45 -28.06 -5.08
C SER A 321 4.07 -26.83 -5.72
N TYR A 322 3.36 -26.25 -6.67
CA TYR A 322 3.80 -25.03 -7.33
C TYR A 322 2.62 -24.17 -7.79
N VAL A 323 2.72 -22.88 -7.52
CA VAL A 323 1.71 -21.91 -7.95
C VAL A 323 2.42 -20.71 -8.58
N ALA A 324 1.96 -20.32 -9.77
CA ALA A 324 2.47 -19.13 -10.45
C ALA A 324 1.36 -18.44 -11.23
N PHE A 325 1.39 -17.11 -11.25
CA PHE A 325 0.44 -16.33 -12.04
C PHE A 325 1.01 -15.02 -12.54
N ILE A 326 0.48 -14.55 -13.66
CA ILE A 326 0.86 -13.26 -14.23
C ILE A 326 -0.39 -12.37 -14.29
N PRO A 327 -0.56 -11.48 -13.29
CA PRO A 327 -1.74 -10.62 -13.16
C PRO A 327 -2.15 -9.89 -14.44
N GLU A 328 -1.19 -9.35 -15.17
CA GLU A 328 -1.50 -8.55 -16.35
C GLU A 328 -2.03 -9.36 -17.55
N LYS A 329 -1.93 -10.68 -17.46
CA LYS A 329 -2.40 -11.55 -18.53
C LYS A 329 -3.57 -12.43 -18.07
N GLU A 330 -4.04 -12.20 -16.83
CA GLU A 330 -5.16 -12.94 -16.23
C GLU A 330 -4.90 -14.44 -16.30
N LEU A 331 -3.65 -14.82 -16.09
CA LEU A 331 -3.17 -16.16 -16.37
C LEU A 331 -2.49 -16.77 -15.15
N GLY A 332 -2.88 -17.98 -14.81
CA GLY A 332 -2.34 -18.67 -13.64
C GLY A 332 -2.29 -20.17 -13.79
N ILE A 333 -1.45 -20.80 -12.97
CA ILE A 333 -1.32 -22.25 -12.96
C ILE A 333 -1.10 -22.77 -11.54
N VAL A 334 -1.68 -23.92 -11.25
CA VAL A 334 -1.44 -24.66 -10.02
C VAL A 334 -1.00 -26.07 -10.39
N MET A 335 0.07 -26.54 -9.78
CA MET A 335 0.56 -27.89 -9.99
C MET A 335 0.71 -28.58 -8.64
N LEU A 336 -0.11 -29.61 -8.42
CA LEU A 336 -0.10 -30.35 -7.16
C LEU A 336 0.24 -31.82 -7.39
N ALA A 337 1.29 -32.29 -6.71
CA ALA A 337 1.75 -33.67 -6.87
C ALA A 337 2.02 -34.32 -5.52
N ASN A 338 1.81 -35.64 -5.44
CA ASN A 338 2.12 -36.41 -4.24
C ASN A 338 3.48 -37.11 -4.32
N LYS A 339 4.46 -36.39 -4.84
CA LYS A 339 5.88 -36.72 -4.74
C LYS A 339 6.66 -35.42 -4.76
N ASN A 340 7.65 -35.29 -3.87
CA ASN A 340 8.54 -34.13 -3.86
C ASN A 340 9.60 -34.28 -4.96
N TYR A 341 9.34 -33.64 -6.10
CA TYR A 341 10.26 -33.67 -7.25
C TYR A 341 10.93 -32.31 -7.45
N PRO A 342 12.13 -32.28 -8.08
CA PRO A 342 12.93 -31.05 -8.17
C PRO A 342 12.17 -29.81 -8.63
N ASN A 343 12.39 -28.70 -7.91
CA ASN A 343 11.74 -27.43 -8.22
CA ASN A 343 11.76 -27.41 -8.21
C ASN A 343 12.00 -26.91 -9.65
N PRO A 344 13.25 -27.03 -10.14
CA PRO A 344 13.47 -26.55 -11.52
C PRO A 344 12.52 -27.19 -12.55
N ALA A 345 12.19 -28.46 -12.37
CA ALA A 345 11.25 -29.16 -13.24
C ALA A 345 9.85 -28.57 -13.16
N ARG A 346 9.43 -28.16 -11.96
CA ARG A 346 8.13 -27.51 -11.76
C ARG A 346 8.09 -26.19 -12.50
N VAL A 347 9.12 -25.37 -12.29
CA VAL A 347 9.24 -24.05 -12.91
C VAL A 347 9.25 -24.16 -14.44
N ASP A 348 10.07 -25.08 -14.97
CA ASP A 348 10.16 -25.33 -16.41
C ASP A 348 8.79 -25.64 -17.02
N ALA A 349 8.06 -26.56 -16.38
CA ALA A 349 6.74 -26.98 -16.86
C ALA A 349 5.72 -25.85 -16.80
N ALA A 350 5.72 -25.12 -15.68
CA ALA A 350 4.81 -24.00 -15.48
C ALA A 350 5.05 -22.88 -16.50
N TRP A 351 6.33 -22.56 -16.74
CA TRP A 351 6.69 -21.55 -17.73
C TRP A 351 6.28 -21.96 -19.14
N GLN A 352 6.51 -23.23 -19.47
CA GLN A 352 6.17 -23.77 -20.79
C GLN A 352 4.69 -23.62 -21.08
N ILE A 353 3.85 -23.94 -20.08
CA ILE A 353 2.39 -23.83 -20.21
C ILE A 353 1.93 -22.37 -20.28
N LEU A 354 2.40 -21.54 -19.35
CA LEU A 354 1.98 -20.13 -19.30
C LEU A 354 2.49 -19.30 -20.47
N ASN A 355 3.73 -19.57 -20.92
CA ASN A 355 4.29 -18.88 -22.08
C ASN A 355 3.50 -19.13 -23.37
N ALA A 356 3.04 -20.37 -23.54
CA ALA A 356 2.27 -20.75 -24.74
C ALA A 356 0.90 -20.08 -24.77
N LEU A 357 0.31 -19.85 -23.60
CA LEU A 357 -1.06 -19.34 -23.51
C LEU A 357 -1.15 -17.81 -23.43
N GLN A 358 -0.04 -17.16 -23.07
CA GLN A 358 -0.02 -15.71 -22.91
C GLN A 358 0.03 -14.97 -24.25
N ALA B 1 -29.72 22.17 6.09
CA ALA B 1 -28.74 21.47 6.97
C ALA B 1 -29.37 21.16 8.34
N PRO B 2 -28.97 20.02 8.95
CA PRO B 2 -29.41 19.73 10.33
C PRO B 2 -29.07 20.88 11.28
N GLN B 3 -29.95 21.06 12.28
CA GLN B 3 -29.82 22.15 13.25
C GLN B 3 -28.46 22.20 13.93
N GLN B 4 -27.96 21.04 14.37
CA GLN B 4 -26.69 20.99 15.09
C GLN B 4 -25.50 21.45 14.25
N ILE B 5 -25.57 21.24 12.94
CA ILE B 5 -24.54 21.71 12.01
C ILE B 5 -24.64 23.22 11.82
N ASN B 6 -25.84 23.71 11.48
CA ASN B 6 -26.08 25.16 11.37
C ASN B 6 -25.65 25.91 12.63
N ASP B 7 -26.00 25.36 13.79
CA ASP B 7 -25.69 25.99 15.07
C ASP B 7 -24.20 26.11 15.35
N ILE B 8 -23.45 25.01 15.22
CA ILE B 8 -22.02 25.03 15.51
C ILE B 8 -21.23 25.86 14.49
N VAL B 9 -21.65 25.83 13.23
CA VAL B 9 -21.01 26.63 12.18
C VAL B 9 -21.22 28.13 12.41
N HIS B 10 -22.45 28.52 12.72
CA HIS B 10 -22.79 29.93 13.00
C HIS B 10 -22.09 30.44 14.25
N ARG B 11 -21.97 29.58 15.26
CA ARG B 11 -21.30 29.94 16.51
C ARG B 11 -19.78 30.06 16.37
N THR B 12 -19.22 29.37 15.36
CA THR B 12 -17.77 29.29 15.21
C THR B 12 -17.22 30.16 14.08
N ILE B 13 -17.75 29.98 12.87
CA ILE B 13 -17.23 30.68 11.69
C ILE B 13 -17.64 32.15 11.63
N THR B 14 -18.91 32.44 11.95
CA THR B 14 -19.40 33.81 11.89
C THR B 14 -18.59 34.77 12.77
N PRO B 15 -18.37 34.44 14.06
CA PRO B 15 -17.46 35.26 14.88
C PRO B 15 -16.00 35.26 14.40
N LEU B 16 -15.53 34.14 13.84
CA LEU B 16 -14.18 34.06 13.27
C LEU B 16 -13.99 35.10 12.17
N ILE B 17 -14.98 35.19 11.29
CA ILE B 17 -14.99 36.16 10.20
C ILE B 17 -14.89 37.60 10.70
N GLU B 18 -15.65 37.93 11.75
CA GLU B 18 -15.59 39.26 12.36
C GLU B 18 -14.22 39.53 12.99
N GLN B 19 -13.70 38.55 13.73
CA GLN B 19 -12.41 38.65 14.40
C GLN B 19 -11.25 38.88 13.43
N GLN B 20 -11.27 38.14 12.33
CA GLN B 20 -10.17 38.14 11.36
C GLN B 20 -10.39 39.12 10.20
N LYS B 21 -11.56 39.76 10.17
CA LYS B 21 -11.94 40.67 9.09
C LYS B 21 -11.86 40.00 7.72
N ILE B 22 -12.50 38.84 7.60
CA ILE B 22 -12.53 38.09 6.35
C ILE B 22 -13.65 38.65 5.46
N PRO B 23 -13.29 39.12 4.24
CA PRO B 23 -14.27 39.70 3.33
C PRO B 23 -15.31 38.69 2.83
N GLY B 24 -14.86 37.48 2.50
CA GLY B 24 -15.74 36.44 1.99
C GLY B 24 -15.28 35.05 2.36
N MET B 25 -16.24 34.17 2.65
CA MET B 25 -15.93 32.83 3.12
C MET B 25 -16.97 31.80 2.70
N ALA B 26 -16.49 30.63 2.31
CA ALA B 26 -17.34 29.48 2.06
C ALA B 26 -16.86 28.32 2.91
N VAL B 27 -17.81 27.59 3.48
CA VAL B 27 -17.54 26.43 4.32
C VAL B 27 -18.44 25.28 3.90
N ALA B 28 -17.85 24.10 3.75
CA ALA B 28 -18.62 22.87 3.58
C ALA B 28 -18.38 21.95 4.77
N VAL B 29 -19.45 21.37 5.28
CA VAL B 29 -19.34 20.32 6.29
C VAL B 29 -19.89 19.03 5.69
N ILE B 30 -19.05 18.00 5.70
CA ILE B 30 -19.46 16.69 5.27
C ILE B 30 -19.83 15.89 6.52
N TYR B 31 -21.10 15.51 6.60
CA TYR B 31 -21.64 14.84 7.77
C TYR B 31 -22.38 13.57 7.33
N GLN B 32 -21.95 12.44 7.88
CA GLN B 32 -22.43 11.12 7.47
C GLN B 32 -22.39 10.95 5.95
N GLY B 33 -21.32 11.48 5.34
CA GLY B 33 -21.11 11.38 3.90
C GLY B 33 -21.76 12.48 3.06
N LYS B 34 -22.67 13.24 3.67
CA LYS B 34 -23.41 14.29 2.95
C LYS B 34 -22.74 15.66 3.10
N PRO B 35 -22.78 16.50 2.04
CA PRO B 35 -22.27 17.87 2.10
C PRO B 35 -23.32 18.94 2.47
N TYR B 36 -22.89 19.93 3.24
CA TYR B 36 -23.72 21.08 3.61
C TYR B 36 -22.91 22.35 3.45
N TYR B 37 -23.51 23.36 2.83
CA TYR B 37 -22.78 24.55 2.40
C TYR B 37 -23.19 25.81 3.13
N PHE B 38 -22.21 26.66 3.39
CA PHE B 38 -22.40 27.89 4.16
C PHE B 38 -21.58 28.99 3.51
N THR B 39 -22.17 30.17 3.33
CA THR B 39 -21.51 31.30 2.68
C THR B 39 -21.65 32.62 3.44
N TRP B 40 -20.62 33.46 3.34
CA TRP B 40 -20.60 34.79 3.94
C TRP B 40 -19.91 35.78 3.00
N GLY B 41 -20.38 37.03 3.02
CA GLY B 41 -19.63 38.15 2.44
C GLY B 41 -19.42 38.16 0.94
N TYR B 42 -18.33 38.80 0.52
CA TYR B 42 -18.08 39.08 -0.88
C TYR B 42 -16.86 38.36 -1.46
N ALA B 43 -17.01 37.87 -2.69
CA ALA B 43 -15.89 37.36 -3.48
C ALA B 43 -15.12 38.53 -4.08
N ASP B 44 -15.84 39.61 -4.36
CA ASP B 44 -15.29 40.83 -4.92
C ASP B 44 -15.96 42.00 -4.18
N ILE B 45 -15.21 42.63 -3.29
CA ILE B 45 -15.74 43.73 -2.45
C ILE B 45 -16.28 44.88 -3.29
N ALA B 46 -15.44 45.39 -4.19
CA ALA B 46 -15.78 46.55 -5.02
C ALA B 46 -17.00 46.33 -5.91
N LYS B 47 -17.15 45.12 -6.44
CA LYS B 47 -18.28 44.79 -7.30
C LYS B 47 -19.40 44.12 -6.52
N LYS B 48 -19.29 44.15 -5.18
CA LYS B 48 -20.28 43.55 -4.28
C LYS B 48 -20.80 42.18 -4.78
N GLN B 49 -19.90 41.40 -5.36
CA GLN B 49 -20.24 40.05 -5.82
CA GLN B 49 -20.24 40.05 -5.82
C GLN B 49 -20.16 39.08 -4.64
N PRO B 50 -21.28 38.42 -4.32
CA PRO B 50 -21.28 37.54 -3.15
C PRO B 50 -20.51 36.25 -3.35
N VAL B 51 -20.04 35.68 -2.24
CA VAL B 51 -19.53 34.31 -2.25
C VAL B 51 -20.72 33.39 -2.48
N THR B 52 -20.60 32.54 -3.49
CA THR B 52 -21.61 31.53 -3.78
C THR B 52 -20.97 30.17 -3.74
N GLN B 53 -21.77 29.14 -3.99
CA GLN B 53 -21.26 27.76 -4.08
C GLN B 53 -20.40 27.51 -5.34
N GLN B 54 -20.38 28.48 -6.26
N GLN B 54 -20.39 28.49 -6.25
CA GLN B 54 -19.57 28.37 -7.48
CA GLN B 54 -19.59 28.38 -7.48
C GLN B 54 -18.39 29.34 -7.52
C GLN B 54 -18.41 29.36 -7.53
N THR B 55 -18.16 30.06 -6.41
CA THR B 55 -17.01 30.96 -6.28
C THR B 55 -15.72 30.16 -6.18
N LEU B 56 -14.75 30.46 -7.05
CA LEU B 56 -13.43 29.84 -6.97
C LEU B 56 -12.51 30.60 -6.02
N PHE B 57 -11.89 29.86 -5.10
CA PHE B 57 -10.89 30.40 -4.17
C PHE B 57 -9.53 29.79 -4.50
N GLU B 58 -8.45 30.54 -4.25
CA GLU B 58 -7.10 29.98 -4.36
C GLU B 58 -6.84 29.09 -3.16
N LEU B 59 -6.49 27.83 -3.43
CA LEU B 59 -6.30 26.85 -2.36
C LEU B 59 -4.93 26.96 -1.71
N GLY B 60 -3.99 27.58 -2.40
CA GLY B 60 -2.60 27.64 -1.94
C GLY B 60 -2.08 26.24 -1.72
N SER B 61 -1.49 26.00 -0.55
CA SER B 61 -0.84 24.73 -0.25
C SER B 61 -1.77 23.52 -0.07
N VAL B 62 -3.08 23.74 0.01
CA VAL B 62 -4.04 22.64 -0.05
C VAL B 62 -3.92 21.91 -1.39
N SER B 63 -3.41 22.62 -2.40
CA SER B 63 -3.09 22.03 -3.71
C SER B 63 -2.17 20.82 -3.61
N LYS B 64 -1.32 20.79 -2.58
CA LYS B 64 -0.37 19.70 -2.35
C LYS B 64 -1.06 18.34 -2.16
N THR B 65 -2.30 18.36 -1.69
CA THR B 65 -3.09 17.15 -1.55
C THR B 65 -3.48 16.59 -2.91
N PHE B 66 -3.73 17.48 -3.88
CA PHE B 66 -3.98 17.09 -5.26
C PHE B 66 -2.70 16.53 -5.90
N THR B 67 -1.56 17.17 -5.63
CA THR B 67 -0.27 16.73 -6.14
C THR B 67 0.09 15.35 -5.57
N GLY B 68 -0.15 15.17 -4.28
CA GLY B 68 0.07 13.89 -3.61
C GLY B 68 -0.74 12.76 -4.22
N VAL B 69 -2.04 13.01 -4.41
CA VAL B 69 -2.94 12.02 -5.01
C VAL B 69 -2.60 11.73 -6.48
N LEU B 70 -2.22 12.77 -7.24
CA LEU B 70 -1.79 12.58 -8.62
C LEU B 70 -0.53 11.71 -8.69
N GLY B 71 0.41 11.96 -7.76
CA GLY B 71 1.61 11.13 -7.63
C GLY B 71 1.25 9.70 -7.28
N GLY B 72 0.30 9.54 -6.36
CA GLY B 72 -0.22 8.22 -5.97
C GLY B 72 -0.84 7.48 -7.14
N ASP B 73 -1.58 8.22 -7.96
CA ASP B 73 -2.20 7.67 -9.17
C ASP B 73 -1.15 7.17 -10.15
N ALA B 74 -0.06 7.92 -10.30
CA ALA B 74 1.05 7.55 -11.16
C ALA B 74 1.75 6.27 -10.69
N ILE B 75 1.90 6.15 -9.36
CA ILE B 75 2.45 4.93 -8.75
C ILE B 75 1.55 3.73 -9.09
N ALA B 76 0.25 3.92 -8.89
CA ALA B 76 -0.76 2.92 -9.20
C ALA B 76 -0.75 2.51 -10.67
N ARG B 77 -0.45 3.47 -11.54
CA ARG B 77 -0.34 3.23 -12.98
C ARG B 77 0.94 2.50 -13.37
N GLY B 78 1.85 2.35 -12.41
CA GLY B 78 3.14 1.71 -12.64
C GLY B 78 4.11 2.59 -13.42
N GLU B 79 3.81 3.88 -13.44
CA GLU B 79 4.61 4.86 -14.17
C GLU B 79 5.81 5.32 -13.35
N ILE B 80 5.62 5.46 -12.04
CA ILE B 80 6.70 5.83 -11.12
C ILE B 80 6.72 4.94 -9.88
N LYS B 81 7.86 4.95 -9.19
CA LYS B 81 7.99 4.32 -7.88
C LYS B 81 8.63 5.33 -6.93
N LEU B 82 8.13 5.40 -5.70
CA LEU B 82 8.66 6.36 -4.71
C LEU B 82 10.08 6.00 -4.27
N SER B 83 10.46 4.74 -4.47
CA SER B 83 11.81 4.25 -4.17
C SER B 83 12.85 4.66 -5.21
N ASP B 84 12.35 5.17 -6.34
CA ASP B 84 13.22 5.53 -7.44
C ASP B 84 14.00 6.81 -7.20
N PRO B 85 15.26 6.84 -7.67
CA PRO B 85 16.11 8.02 -7.68
C PRO B 85 15.44 9.16 -8.42
N THR B 86 15.63 10.37 -7.92
CA THR B 86 15.12 11.57 -8.58
C THR B 86 15.65 11.64 -10.01
N THR B 87 16.91 11.24 -10.19
CA THR B 87 17.62 11.31 -11.47
C THR B 87 17.02 10.42 -12.55
N LYS B 88 16.36 9.33 -12.15
CA LYS B 88 15.69 8.43 -13.10
C LYS B 88 14.75 9.21 -14.04
N TYR B 89 13.99 10.12 -13.46
CA TYR B 89 12.98 10.88 -14.22
C TYR B 89 13.47 12.29 -14.60
N TRP B 90 14.65 12.65 -14.12
CA TRP B 90 15.33 13.88 -14.56
C TRP B 90 16.80 13.58 -14.84
N PRO B 91 17.09 13.01 -16.03
CA PRO B 91 18.44 12.56 -16.39
C PRO B 91 19.52 13.63 -16.27
N GLU B 92 19.18 14.88 -16.59
N GLU B 92 19.16 14.88 -16.58
CA GLU B 92 20.14 16.00 -16.54
CA GLU B 92 20.07 16.02 -16.55
C GLU B 92 20.60 16.32 -15.11
C GLU B 92 20.52 16.41 -15.13
N LEU B 93 19.83 15.88 -14.12
CA LEU B 93 20.16 16.13 -12.71
C LEU B 93 21.25 15.17 -12.25
N THR B 94 22.50 15.53 -12.55
CA THR B 94 23.63 14.61 -12.43
C THR B 94 24.54 14.86 -11.21
N ALA B 95 24.37 16.02 -10.58
CA ALA B 95 25.20 16.39 -9.43
C ALA B 95 25.14 15.33 -8.32
N LYS B 96 26.31 15.03 -7.76
CA LYS B 96 26.50 13.89 -6.85
C LYS B 96 25.61 13.90 -5.60
N GLN B 97 25.31 15.09 -5.09
CA GLN B 97 24.53 15.24 -3.85
C GLN B 97 23.11 14.69 -3.97
N TRP B 98 22.71 14.38 -5.20
CA TRP B 98 21.37 13.87 -5.49
C TRP B 98 21.27 12.35 -5.46
N ASN B 99 22.42 11.68 -5.30
CA ASN B 99 22.47 10.22 -5.25
C ASN B 99 21.85 9.68 -3.96
N GLY B 100 20.77 8.92 -4.12
CA GLY B 100 20.03 8.44 -2.96
C GLY B 100 19.02 9.45 -2.47
N ILE B 101 18.70 10.44 -3.31
CA ILE B 101 17.52 11.27 -3.08
C ILE B 101 16.42 10.74 -3.99
N THR B 102 15.41 10.15 -3.35
CA THR B 102 14.34 9.45 -4.07
C THR B 102 13.10 10.34 -4.21
N LEU B 103 12.15 9.88 -5.02
CA LEU B 103 10.87 10.57 -5.18
C LEU B 103 10.13 10.69 -3.86
N LEU B 104 10.24 9.66 -3.02
CA LEU B 104 9.68 9.70 -1.67
C LEU B 104 10.17 10.92 -0.90
N HIS B 105 11.47 11.16 -0.96
CA HIS B 105 12.09 12.30 -0.26
C HIS B 105 11.52 13.63 -0.72
N LEU B 106 11.38 13.79 -2.05
CA LEU B 106 10.81 15.00 -2.63
C LEU B 106 9.35 15.17 -2.19
N ALA B 107 8.58 14.09 -2.28
CA ALA B 107 7.15 14.11 -1.96
C ALA B 107 6.86 14.44 -0.50
N THR B 108 7.77 14.03 0.39
CA THR B 108 7.54 14.12 1.83
C THR B 108 8.45 15.12 2.56
N TYR B 109 9.10 16.01 1.80
CA TYR B 109 9.95 17.07 2.34
C TYR B 109 11.17 16.56 3.13
N THR B 110 11.67 15.39 2.76
CA THR B 110 12.74 14.73 3.54
C THR B 110 14.05 14.56 2.76
N ALA B 111 14.22 15.33 1.69
CA ALA B 111 15.41 15.25 0.84
C ALA B 111 16.68 15.77 1.54
N GLY B 112 16.51 16.64 2.53
CA GLY B 112 17.63 17.17 3.29
C GLY B 112 17.76 18.68 3.24
N GLY B 113 16.62 19.37 3.27
CA GLY B 113 16.62 20.82 3.40
C GLY B 113 16.43 21.65 2.15
N LEU B 114 15.71 21.11 1.17
CA LEU B 114 15.26 21.90 0.03
C LEU B 114 14.43 23.06 0.58
N PRO B 115 14.66 24.28 0.07
CA PRO B 115 14.09 25.47 0.73
C PRO B 115 12.57 25.57 0.62
N LEU B 116 11.96 26.26 1.57
CA LEU B 116 10.52 26.50 1.58
C LEU B 116 10.03 27.03 0.24
N GLN B 117 10.72 28.04 -0.30
CA GLN B 117 10.38 28.62 -1.58
C GLN B 117 11.50 28.39 -2.58
N VAL B 118 11.12 28.16 -3.84
CA VAL B 118 12.06 28.28 -4.95
C VAL B 118 12.34 29.77 -5.05
N PRO B 119 13.64 30.16 -5.16
CA PRO B 119 14.00 31.58 -5.27
C PRO B 119 13.16 32.33 -6.31
N ASP B 120 12.87 33.59 -5.99
CA ASP B 120 12.00 34.46 -6.80
C ASP B 120 12.32 34.47 -8.29
N GLU B 121 13.62 34.46 -8.62
CA GLU B 121 14.10 34.70 -9.98
C GLU B 121 14.07 33.46 -10.88
N VAL B 122 13.95 32.29 -10.27
CA VAL B 122 13.87 31.03 -11.01
C VAL B 122 12.53 30.95 -11.76
N LYS B 123 12.60 30.77 -13.08
CA LYS B 123 11.41 30.75 -13.91
C LYS B 123 11.40 29.56 -14.86
N SER B 124 12.40 29.51 -15.75
CA SER B 124 12.44 28.53 -16.84
C SER B 124 12.90 27.14 -16.37
N SER B 125 12.79 26.17 -17.28
CA SER B 125 13.30 24.81 -17.05
C SER B 125 14.81 24.81 -16.83
N SER B 126 15.50 25.72 -17.53
CA SER B 126 16.95 25.88 -17.39
C SER B 126 17.32 26.50 -16.04
N ASP B 127 16.54 27.49 -15.60
CA ASP B 127 16.69 28.09 -14.28
C ASP B 127 16.53 27.04 -13.19
N LEU B 128 15.49 26.20 -13.35
CA LEU B 128 15.19 25.13 -12.41
C LEU B 128 16.30 24.11 -12.32
N LEU B 129 16.83 23.68 -13.48
CA LEU B 129 17.93 22.73 -13.50
C LEU B 129 19.13 23.28 -12.74
N ARG B 130 19.50 24.53 -13.01
CA ARG B 130 20.63 25.18 -12.35
C ARG B 130 20.42 25.28 -10.83
N PHE B 131 19.23 25.70 -10.42
CA PHE B 131 18.92 25.78 -9.00
C PHE B 131 19.14 24.45 -8.28
N TYR B 132 18.53 23.38 -8.79
CA TYR B 132 18.64 22.06 -8.18
C TYR B 132 20.03 21.43 -8.30
N GLN B 133 20.70 21.66 -9.43
CA GLN B 133 22.08 21.20 -9.61
C GLN B 133 23.04 21.87 -8.63
N ASN B 134 22.73 23.12 -8.26
CA ASN B 134 23.56 23.90 -7.34
C ASN B 134 23.19 23.76 -5.86
N TRP B 135 22.00 23.24 -5.58
CA TRP B 135 21.52 23.08 -4.21
C TRP B 135 22.40 22.12 -3.42
N GLN B 136 22.84 22.56 -2.24
CA GLN B 136 23.61 21.73 -1.34
C GLN B 136 22.82 21.46 -0.06
N PRO B 137 22.64 20.17 0.28
CA PRO B 137 21.77 19.76 1.40
C PRO B 137 22.24 20.17 2.78
N ALA B 138 21.29 20.40 3.67
CA ALA B 138 21.57 20.74 5.06
C ALA B 138 21.72 19.47 5.90
N TRP B 139 21.08 18.39 5.45
CA TRP B 139 21.14 17.09 6.11
C TRP B 139 21.15 15.96 5.08
N ALA B 140 21.48 14.75 5.52
CA ALA B 140 21.40 13.55 4.69
C ALA B 140 19.95 13.24 4.34
N PRO B 141 19.71 12.52 3.21
CA PRO B 141 18.34 12.20 2.83
C PRO B 141 17.64 11.33 3.87
N GLY B 142 16.34 11.58 4.07
CA GLY B 142 15.52 10.78 4.97
C GLY B 142 15.84 10.89 6.45
N THR B 143 16.35 12.04 6.87
CA THR B 143 16.67 12.29 8.27
C THR B 143 15.81 13.40 8.89
N GLN B 144 15.53 14.44 8.10
CA GLN B 144 14.81 15.62 8.59
C GLN B 144 13.67 16.03 7.66
N ARG B 145 12.53 16.39 8.24
CA ARG B 145 11.39 16.94 7.50
C ARG B 145 11.44 18.46 7.52
N LEU B 146 11.57 19.06 6.35
CA LEU B 146 11.45 20.50 6.23
C LEU B 146 10.43 20.83 5.15
N TYR B 147 9.23 21.21 5.59
CA TYR B 147 8.14 21.58 4.68
C TYR B 147 8.65 22.56 3.62
N ALA B 148 8.41 22.24 2.36
CA ALA B 148 9.00 22.98 1.24
C ALA B 148 8.23 22.84 -0.07
N ASN B 149 7.98 23.99 -0.71
CA ASN B 149 7.41 24.01 -2.06
C ASN B 149 8.37 23.44 -3.11
N SER B 150 9.66 23.70 -2.91
CA SER B 150 10.70 23.23 -3.83
C SER B 150 10.87 21.72 -3.80
N SER B 151 10.34 21.08 -2.76
CA SER B 151 10.43 19.63 -2.60
C SER B 151 9.28 18.91 -3.31
N ILE B 152 8.06 19.09 -2.79
CA ILE B 152 6.87 18.46 -3.38
C ILE B 152 6.55 19.01 -4.78
N GLY B 153 6.94 20.27 -5.03
CA GLY B 153 6.79 20.89 -6.35
C GLY B 153 7.56 20.14 -7.41
N LEU B 154 8.81 19.78 -7.09
CA LEU B 154 9.63 18.95 -7.97
C LEU B 154 9.04 17.54 -8.11
N PHE B 155 8.57 16.97 -7.00
CA PHE B 155 7.89 15.67 -7.06
C PHE B 155 6.77 15.67 -8.09
N GLY B 156 5.91 16.68 -8.02
CA GLY B 156 4.78 16.82 -8.95
C GLY B 156 5.19 16.87 -10.41
N ALA B 157 6.20 17.68 -10.71
CA ALA B 157 6.72 17.81 -12.06
C ALA B 157 7.30 16.49 -12.58
N LEU B 158 8.02 15.78 -11.73
CA LEU B 158 8.66 14.52 -12.13
C LEU B 158 7.69 13.35 -12.21
N ALA B 159 6.69 13.34 -11.32
CA ALA B 159 5.69 12.27 -11.27
C ALA B 159 4.94 12.06 -12.59
N VAL B 160 4.75 13.14 -13.35
CA VAL B 160 4.00 13.10 -14.60
C VAL B 160 4.89 12.88 -15.85
N LYS B 161 6.21 12.85 -15.65
CA LYS B 161 7.16 12.66 -16.75
C LYS B 161 6.90 11.41 -17.61
N PRO B 162 6.80 10.21 -16.98
CA PRO B 162 6.53 9.00 -17.77
C PRO B 162 5.24 9.03 -18.57
N SER B 163 4.21 9.68 -18.05
CA SER B 163 2.92 9.81 -18.74
C SER B 163 3.05 10.62 -20.04
N GLY B 164 4.02 11.53 -20.07
CA GLY B 164 4.23 12.43 -21.20
C GLY B 164 3.29 13.63 -21.19
N LEU B 165 2.38 13.65 -20.23
CA LEU B 165 1.41 14.74 -20.10
C LEU B 165 2.02 15.90 -19.31
N SER B 166 1.54 17.11 -19.59
CA SER B 166 1.86 18.27 -18.77
C SER B 166 1.20 18.07 -17.40
N PHE B 167 1.72 18.74 -16.38
CA PHE B 167 1.17 18.61 -15.03
C PHE B 167 -0.32 18.94 -15.01
N GLU B 168 -0.71 20.04 -15.66
CA GLU B 168 -2.12 20.44 -15.72
C GLU B 168 -2.99 19.39 -16.40
N GLN B 169 -2.54 18.89 -17.55
CA GLN B 169 -3.28 17.87 -18.29
C GLN B 169 -3.46 16.58 -17.49
N ALA B 170 -2.38 16.12 -16.86
CA ALA B 170 -2.44 14.93 -16.01
C ALA B 170 -3.42 15.14 -14.86
N MET B 171 -3.30 16.28 -14.17
CA MET B 171 -4.19 16.61 -13.07
C MET B 171 -5.66 16.66 -13.50
N GLN B 172 -5.93 17.36 -14.59
N GLN B 172 -5.94 17.35 -14.60
CA GLN B 172 -7.29 17.50 -15.12
CA GLN B 172 -7.31 17.49 -15.08
C GLN B 172 -7.91 16.15 -15.47
C GLN B 172 -7.92 16.16 -15.50
N THR B 173 -7.20 15.38 -16.30
CA THR B 173 -7.70 14.12 -16.84
C THR B 173 -7.72 12.96 -15.84
N ARG B 174 -6.80 12.99 -14.87
CA ARG B 174 -6.63 11.84 -13.97
C ARG B 174 -7.21 12.03 -12.57
N VAL B 175 -7.45 13.28 -12.18
CA VAL B 175 -7.97 13.58 -10.85
C VAL B 175 -9.27 14.40 -10.90
N PHE B 176 -9.20 15.60 -11.50
CA PHE B 176 -10.35 16.52 -11.53
C PHE B 176 -11.59 15.91 -12.18
N GLN B 177 -11.43 15.37 -13.40
CA GLN B 177 -12.56 14.87 -14.17
C GLN B 177 -13.18 13.57 -13.66
N PRO B 178 -12.35 12.54 -13.33
CA PRO B 178 -12.94 11.32 -12.77
C PRO B 178 -13.75 11.58 -11.50
N LEU B 179 -13.37 12.59 -10.73
CA LEU B 179 -14.09 12.96 -9.51
C LEU B 179 -15.12 14.06 -9.73
N LYS B 180 -15.34 14.42 -10.99
CA LYS B 180 -16.35 15.42 -11.39
C LYS B 180 -16.15 16.78 -10.71
N LEU B 181 -14.88 17.18 -10.58
CA LEU B 181 -14.54 18.51 -10.07
C LEU B 181 -14.55 19.46 -11.26
N ASN B 182 -15.75 19.87 -11.64
CA ASN B 182 -15.99 20.60 -12.90
C ASN B 182 -15.74 22.11 -12.84
N HIS B 183 -15.37 22.60 -11.66
CA HIS B 183 -15.05 24.03 -11.49
C HIS B 183 -13.75 24.21 -10.70
N THR B 184 -12.81 23.30 -10.95
CA THR B 184 -11.50 23.29 -10.31
C THR B 184 -10.42 23.42 -11.38
N TRP B 185 -9.53 24.40 -11.20
CA TRP B 185 -8.56 24.76 -12.23
C TRP B 185 -7.19 25.13 -11.66
N ILE B 186 -6.14 24.75 -12.39
CA ILE B 186 -4.79 25.24 -12.15
C ILE B 186 -4.66 26.60 -12.83
N ASN B 187 -5.15 26.65 -14.07
CA ASN B 187 -5.30 27.91 -14.79
C ASN B 187 -6.78 28.18 -15.02
N VAL B 188 -7.28 29.26 -14.42
CA VAL B 188 -8.69 29.66 -14.52
C VAL B 188 -8.99 30.16 -15.94
N PRO B 189 -9.91 29.48 -16.65
CA PRO B 189 -10.26 29.88 -18.01
C PRO B 189 -11.15 31.13 -18.02
N PRO B 190 -11.21 31.86 -19.16
CA PRO B 190 -12.03 33.07 -19.25
C PRO B 190 -13.48 32.89 -18.76
N ALA B 191 -14.07 31.73 -19.02
CA ALA B 191 -15.46 31.45 -18.64
C ALA B 191 -15.68 31.41 -17.12
N GLU B 192 -14.61 31.13 -16.37
CA GLU B 192 -14.69 31.05 -14.91
C GLU B 192 -14.21 32.31 -14.19
N GLU B 193 -13.76 33.32 -14.96
CA GLU B 193 -13.21 34.55 -14.40
C GLU B 193 -14.20 35.35 -13.53
N LYS B 194 -15.47 35.34 -13.94
CA LYS B 194 -16.54 36.02 -13.19
C LYS B 194 -16.77 35.37 -11.81
N ASN B 195 -16.41 34.09 -11.69
CA ASN B 195 -16.58 33.32 -10.46
C ASN B 195 -15.33 33.27 -9.58
N TYR B 196 -14.21 33.73 -10.12
CA TYR B 196 -12.93 33.69 -9.43
C TYR B 196 -12.83 34.85 -8.42
N ALA B 197 -12.87 34.51 -7.14
CA ALA B 197 -12.81 35.49 -6.06
C ALA B 197 -11.48 36.23 -6.06
N TRP B 198 -11.52 37.50 -5.65
CA TRP B 198 -10.29 38.23 -5.38
C TRP B 198 -9.84 37.94 -3.96
N GLY B 199 -8.54 37.76 -3.80
CA GLY B 199 -7.93 37.67 -2.48
C GLY B 199 -7.68 39.06 -1.96
N TYR B 200 -7.56 39.18 -0.64
CA TYR B 200 -7.36 40.50 -0.04
C TYR B 200 -6.18 40.55 0.93
N ARG B 201 -5.23 41.41 0.59
CA ARG B 201 -4.00 41.58 1.35
C ARG B 201 -3.76 43.07 1.53
N GLU B 202 -3.73 43.51 2.78
CA GLU B 202 -3.61 44.93 3.14
C GLU B 202 -4.72 45.78 2.49
N GLY B 203 -5.91 45.18 2.34
CA GLY B 203 -7.05 45.85 1.72
C GLY B 203 -7.05 45.87 0.20
N LYS B 204 -6.01 45.31 -0.41
CA LYS B 204 -5.88 45.28 -1.87
C LYS B 204 -6.38 43.96 -2.45
N ALA B 205 -7.03 44.04 -3.62
CA ALA B 205 -7.46 42.86 -4.34
C ALA B 205 -6.28 42.22 -5.08
N VAL B 206 -6.00 40.96 -4.77
CA VAL B 206 -4.85 40.25 -5.34
C VAL B 206 -5.16 38.81 -5.78
N HIS B 207 -4.48 38.37 -6.82
CA HIS B 207 -4.43 36.96 -7.20
C HIS B 207 -2.99 36.48 -7.09
N VAL B 208 -2.82 35.16 -6.92
CA VAL B 208 -1.50 34.55 -6.80
C VAL B 208 -0.60 34.87 -8.01
N SER B 209 0.66 35.19 -7.72
CA SER B 209 1.64 35.51 -8.77
C SER B 209 2.20 34.24 -9.39
N PRO B 210 2.53 34.30 -10.70
CA PRO B 210 3.25 33.19 -11.35
C PRO B 210 4.59 32.93 -10.68
N GLY B 211 4.93 31.65 -10.54
CA GLY B 211 6.21 31.25 -9.95
C GLY B 211 6.61 29.87 -10.42
N ALA B 212 7.91 29.57 -10.29
CA ALA B 212 8.41 28.25 -10.64
C ALA B 212 7.72 27.20 -9.79
N LEU B 213 7.18 26.18 -10.46
CA LEU B 213 6.47 25.06 -9.82
C LEU B 213 5.23 25.48 -9.02
N ASP B 214 4.59 26.57 -9.45
CA ASP B 214 3.39 27.07 -8.76
C ASP B 214 2.22 26.08 -8.85
N ALA B 215 1.97 25.57 -10.04
CA ALA B 215 0.91 24.58 -10.26
C ALA B 215 1.05 23.38 -9.33
N GLU B 216 2.28 22.87 -9.22
CA GLU B 216 2.59 21.66 -8.46
C GLU B 216 2.53 21.86 -6.94
N ALA B 217 2.84 23.06 -6.47
CA ALA B 217 2.98 23.29 -5.03
C ALA B 217 1.82 24.06 -4.38
N TYR B 218 1.20 24.97 -5.12
CA TYR B 218 0.18 25.86 -4.55
C TYR B 218 -0.79 26.47 -5.57
N GLY B 219 -0.94 25.82 -6.73
CA GLY B 219 -1.61 26.45 -7.88
C GLY B 219 -3.05 26.11 -8.21
N VAL B 220 -3.75 25.39 -7.33
CA VAL B 220 -5.13 25.00 -7.61
C VAL B 220 -6.13 26.03 -7.11
N LYS B 221 -7.14 26.32 -7.92
CA LYS B 221 -8.28 27.14 -7.52
C LYS B 221 -9.54 26.29 -7.62
N SER B 222 -10.43 26.43 -6.64
CA SER B 222 -11.60 25.55 -6.54
C SER B 222 -12.79 26.16 -5.80
N THR B 223 -13.97 25.58 -6.03
CA THR B 223 -15.21 26.00 -5.38
C THR B 223 -15.47 25.15 -4.13
N ILE B 224 -16.37 25.64 -3.27
CA ILE B 224 -16.73 24.92 -2.05
C ILE B 224 -17.41 23.57 -2.36
N GLU B 225 -18.16 23.52 -3.46
N GLU B 225 -18.16 23.52 -3.46
CA GLU B 225 -18.82 22.30 -3.90
CA GLU B 225 -18.83 22.29 -3.89
C GLU B 225 -17.81 21.24 -4.33
C GLU B 225 -17.81 21.24 -4.34
N ASP B 226 -16.87 21.64 -5.18
CA ASP B 226 -15.80 20.77 -5.65
C ASP B 226 -14.91 20.29 -4.52
N MET B 227 -14.61 21.19 -3.58
CA MET B 227 -13.79 20.83 -2.42
C MET B 227 -14.49 19.86 -1.48
N ALA B 228 -15.81 20.02 -1.32
CA ALA B 228 -16.64 19.04 -0.60
C ALA B 228 -16.52 17.66 -1.24
N ARG B 229 -16.63 17.64 -2.57
CA ARG B 229 -16.46 16.40 -3.35
CA ARG B 229 -16.47 16.41 -3.35
C ARG B 229 -15.07 15.82 -3.17
N TRP B 230 -14.07 16.70 -3.08
CA TRP B 230 -12.67 16.32 -2.85
C TRP B 230 -12.52 15.64 -1.49
N VAL B 231 -13.17 16.20 -0.47
CA VAL B 231 -13.17 15.62 0.86
C VAL B 231 -13.87 14.27 0.88
N GLN B 232 -15.05 14.18 0.23
CA GLN B 232 -15.79 12.93 0.15
C GLN B 232 -14.96 11.82 -0.48
N SER B 233 -14.27 12.15 -1.57
CA SER B 233 -13.42 11.21 -2.30
C SER B 233 -12.26 10.70 -1.45
N ASN B 234 -11.68 11.60 -0.65
CA ASN B 234 -10.58 11.23 0.24
C ASN B 234 -11.04 10.55 1.53
N LEU B 235 -12.27 10.86 1.96
CA LEU B 235 -12.92 10.16 3.07
C LEU B 235 -13.21 8.71 2.72
N LYS B 236 -13.62 8.47 1.47
CA LYS B 236 -14.09 7.16 1.06
C LYS B 236 -13.56 6.81 -0.33
N PRO B 237 -12.26 6.45 -0.42
CA PRO B 237 -11.64 6.11 -1.71
C PRO B 237 -12.26 4.89 -2.39
N LEU B 238 -12.83 3.98 -1.62
CA LEU B 238 -13.41 2.75 -2.15
C LEU B 238 -14.65 2.97 -3.02
N ASP B 239 -15.26 4.15 -2.91
CA ASP B 239 -16.40 4.51 -3.75
C ASP B 239 -15.99 5.02 -5.14
N ILE B 240 -14.68 5.20 -5.33
CA ILE B 240 -14.15 5.71 -6.60
C ILE B 240 -13.98 4.57 -7.61
N ASN B 241 -14.61 4.75 -8.78
CA ASN B 241 -14.64 3.73 -9.81
C ASN B 241 -13.35 3.56 -10.59
N GLU B 242 -12.55 4.63 -10.66
CA GLU B 242 -11.25 4.57 -11.33
C GLU B 242 -10.25 3.89 -10.40
N LYS B 243 -9.81 2.69 -10.80
CA LYS B 243 -8.97 1.83 -9.97
C LYS B 243 -7.70 2.52 -9.47
N THR B 244 -6.93 3.08 -10.39
CA THR B 244 -5.64 3.70 -10.05
C THR B 244 -5.79 4.97 -9.22
N LEU B 245 -6.89 5.70 -9.43
CA LEU B 245 -7.19 6.88 -8.61
C LEU B 245 -7.61 6.48 -7.20
N GLN B 246 -8.41 5.42 -7.10
CA GLN B 246 -8.76 4.83 -5.81
C GLN B 246 -7.50 4.44 -5.03
N GLN B 247 -6.58 3.76 -5.70
N GLN B 247 -6.57 3.76 -5.71
CA GLN B 247 -5.30 3.36 -5.11
CA GLN B 247 -5.30 3.36 -5.11
C GLN B 247 -4.44 4.58 -4.79
C GLN B 247 -4.43 4.57 -4.79
N GLY B 248 -4.43 5.56 -5.69
CA GLY B 248 -3.68 6.80 -5.52
C GLY B 248 -4.05 7.59 -4.27
N ILE B 249 -5.35 7.67 -4.00
CA ILE B 249 -5.85 8.33 -2.79
C ILE B 249 -5.41 7.57 -1.54
N GLN B 250 -5.50 6.25 -1.58
CA GLN B 250 -5.08 5.40 -0.46
C GLN B 250 -3.59 5.56 -0.18
N LEU B 251 -2.79 5.64 -1.24
CA LEU B 251 -1.34 5.83 -1.11
C LEU B 251 -0.98 7.19 -0.50
N ALA B 252 -1.75 8.22 -0.84
CA ALA B 252 -1.53 9.58 -0.32
C ALA B 252 -1.79 9.70 1.19
N GLN B 253 -2.55 8.75 1.73
CA GLN B 253 -2.84 8.72 3.16
C GLN B 253 -2.06 7.65 3.92
N SER B 254 -1.12 7.00 3.23
CA SER B 254 -0.17 6.12 3.89
C SER B 254 0.77 6.94 4.78
N ARG B 255 1.20 6.34 5.89
CA ARG B 255 2.07 7.03 6.84
C ARG B 255 3.54 6.68 6.56
N TYR B 256 4.27 7.64 6.00
CA TYR B 256 5.64 7.41 5.54
C TYR B 256 6.71 7.79 6.58
N TRP B 257 6.43 8.85 7.33
CA TRP B 257 7.35 9.37 8.34
C TRP B 257 6.54 9.81 9.56
N GLN B 258 7.18 9.78 10.73
CA GLN B 258 6.57 10.34 11.93
C GLN B 258 7.45 11.40 12.58
N THR B 259 6.86 12.54 12.86
CA THR B 259 7.46 13.57 13.73
C THR B 259 6.44 13.92 14.81
N GLY B 260 6.83 13.71 16.06
CA GLY B 260 5.91 13.90 17.19
C GLY B 260 4.69 13.01 17.03
N ASP B 261 3.50 13.62 17.05
CA ASP B 261 2.26 12.88 16.86
C ASP B 261 1.68 13.02 15.45
N MET B 262 2.48 13.59 14.54
CA MET B 262 2.04 13.77 13.14
C MET B 262 2.73 12.78 12.20
N TYR B 263 1.99 12.36 11.18
CA TYR B 263 2.47 11.45 10.15
C TYR B 263 2.36 12.11 8.79
N GLN B 264 3.43 12.02 8.01
CA GLN B 264 3.48 12.62 6.69
C GLN B 264 3.00 11.64 5.62
N GLY B 265 1.93 12.02 4.92
CA GLY B 265 1.48 11.30 3.73
C GLY B 265 2.01 12.00 2.50
N LEU B 266 1.35 11.77 1.36
CA LEU B 266 1.67 12.50 0.14
C LEU B 266 0.71 13.69 0.03
N GLY B 267 1.20 14.87 0.44
CA GLY B 267 0.37 16.07 0.54
C GLY B 267 -0.37 16.12 1.86
N TRP B 268 -1.23 15.14 2.10
CA TRP B 268 -1.95 15.03 3.36
C TRP B 268 -1.01 14.82 4.54
N GLU B 269 -1.39 15.38 5.68
CA GLU B 269 -0.77 15.09 6.96
C GLU B 269 -1.82 14.45 7.87
N MET B 270 -1.38 13.48 8.68
CA MET B 270 -2.30 12.70 9.52
C MET B 270 -1.86 12.61 10.97
N LEU B 271 -2.84 12.49 11.86
CA LEU B 271 -2.62 12.17 13.26
C LEU B 271 -3.68 11.17 13.67
N ASP B 272 -3.38 10.34 14.67
CA ASP B 272 -4.35 9.37 15.18
C ASP B 272 -5.55 10.05 15.80
N TRP B 273 -6.75 9.59 15.43
CA TRP B 273 -7.98 10.00 16.10
C TRP B 273 -8.25 9.05 17.27
N PRO B 274 -8.62 9.59 18.45
CA PRO B 274 -8.83 11.00 18.79
C PRO B 274 -7.54 11.80 18.88
N VAL B 275 -7.61 13.06 18.43
N VAL B 275 -7.61 13.07 18.46
CA VAL B 275 -6.48 13.97 18.47
CA VAL B 275 -6.43 13.95 18.43
C VAL B 275 -6.50 14.86 19.70
C VAL B 275 -6.49 14.95 19.59
N ASN B 276 -5.32 15.28 20.13
CA ASN B 276 -5.20 16.35 21.11
C ASN B 276 -5.31 17.66 20.32
N PRO B 277 -6.36 18.46 20.58
CA PRO B 277 -6.59 19.68 19.81
C PRO B 277 -5.43 20.67 19.85
N ASP B 278 -4.80 20.83 21.00
CA ASP B 278 -3.65 21.73 21.15
C ASP B 278 -2.51 21.34 20.20
N SER B 279 -2.39 20.05 19.94
CA SER B 279 -1.35 19.52 19.06
C SER B 279 -1.50 19.99 17.61
N ILE B 280 -2.71 19.86 17.07
CA ILE B 280 -2.99 20.32 15.70
C ILE B 280 -3.05 21.84 15.60
N ILE B 281 -3.60 22.50 16.62
CA ILE B 281 -3.73 23.96 16.64
C ILE B 281 -2.36 24.64 16.74
N ASN B 282 -1.61 24.32 17.80
CA ASN B 282 -0.26 24.87 17.98
C ASN B 282 0.69 24.42 16.87
N GLY B 283 0.58 23.15 16.48
CA GLY B 283 1.42 22.57 15.43
C GLY B 283 1.24 23.19 14.06
N SER B 284 0.07 23.79 13.84
CA SER B 284 -0.23 24.46 12.56
C SER B 284 0.42 25.84 12.46
N ASP B 285 0.81 26.41 13.59
CA ASP B 285 1.54 27.67 13.59
C ASP B 285 2.83 27.50 12.80
N ASN B 286 3.11 28.47 11.93
CA ASN B 286 4.26 28.43 11.04
C ASN B 286 5.63 28.27 11.72
N LYS B 287 5.74 28.76 12.96
CA LYS B 287 6.97 28.56 13.74
C LYS B 287 7.30 27.08 13.90
N ILE B 288 6.26 26.26 14.03
CA ILE B 288 6.38 24.81 14.14
C ILE B 288 6.29 24.13 12.77
N ALA B 289 5.23 24.44 12.04
CA ALA B 289 4.92 23.80 10.76
C ALA B 289 6.03 23.97 9.70
N LEU B 290 6.76 25.09 9.77
CA LEU B 290 7.81 25.38 8.79
C LEU B 290 9.22 25.05 9.30
N ALA B 291 9.31 24.57 10.54
CA ALA B 291 10.59 24.24 11.15
C ALA B 291 11.03 22.81 10.83
N ALA B 292 12.34 22.60 10.76
CA ALA B 292 12.90 21.27 10.55
C ALA B 292 12.63 20.37 11.75
N ARG B 293 12.20 19.15 11.47
CA ARG B 293 11.96 18.16 12.52
C ARG B 293 12.57 16.82 12.12
N PRO B 294 13.20 16.13 13.09
CA PRO B 294 13.73 14.80 12.77
C PRO B 294 12.60 13.79 12.57
N VAL B 295 12.73 12.97 11.53
CA VAL B 295 11.70 11.98 11.20
C VAL B 295 12.15 10.55 11.51
N LYS B 296 11.18 9.74 11.97
CA LYS B 296 11.39 8.31 12.06
C LYS B 296 10.72 7.67 10.84
N ALA B 297 11.50 6.90 10.10
CA ALA B 297 11.00 6.18 8.94
C ALA B 297 10.00 5.13 9.39
N ILE B 298 8.85 5.09 8.72
CA ILE B 298 7.87 4.04 8.97
C ILE B 298 8.12 2.97 7.91
N THR B 299 8.72 1.87 8.35
CA THR B 299 9.25 0.85 7.46
C THR B 299 8.53 -0.49 7.67
N PRO B 300 7.60 -0.84 6.77
CA PRO B 300 7.12 -0.07 5.62
C PRO B 300 6.02 0.90 6.03
N PRO B 301 5.66 1.85 5.15
CA PRO B 301 4.57 2.78 5.45
C PRO B 301 3.27 2.09 5.85
N THR B 302 2.64 2.58 6.90
CA THR B 302 1.35 2.09 7.36
C THR B 302 0.28 2.51 6.36
N PRO B 303 -0.54 1.55 5.88
CA PRO B 303 -1.63 1.91 4.97
C PRO B 303 -2.59 2.89 5.65
N ALA B 304 -3.36 3.62 4.84
CA ALA B 304 -4.28 4.64 5.33
C ALA B 304 -5.07 4.17 6.56
N VAL B 305 -4.91 4.91 7.65
CA VAL B 305 -5.59 4.60 8.91
C VAL B 305 -6.93 5.33 8.95
N ARG B 306 -8.01 4.56 9.14
N ARG B 306 -8.01 4.58 9.14
CA ARG B 306 -9.37 5.09 9.18
CA ARG B 306 -9.36 5.17 9.14
C ARG B 306 -9.60 6.03 10.36
C ARG B 306 -9.62 6.05 10.37
N ALA B 307 -9.09 5.65 11.53
CA ALA B 307 -9.20 6.47 12.73
C ALA B 307 -8.11 7.53 12.76
N SER B 308 -8.21 8.48 11.83
CA SER B 308 -7.23 9.54 11.69
C SER B 308 -7.89 10.89 11.51
N TRP B 309 -7.22 11.93 12.00
CA TRP B 309 -7.50 13.30 11.61
C TRP B 309 -6.56 13.58 10.45
N VAL B 310 -7.12 13.72 9.26
CA VAL B 310 -6.35 13.98 8.05
C VAL B 310 -6.61 15.42 7.63
N HIS B 311 -5.54 16.18 7.38
CA HIS B 311 -5.70 17.62 7.15
C HIS B 311 -4.56 18.28 6.38
N LYS B 312 -4.82 19.52 5.93
CA LYS B 312 -3.84 20.37 5.26
C LYS B 312 -4.27 21.84 5.32
N THR B 313 -3.35 22.68 5.74
CA THR B 313 -3.51 24.14 5.66
C THR B 313 -2.99 24.61 4.31
N GLY B 314 -3.49 25.76 3.84
CA GLY B 314 -3.03 26.33 2.59
C GLY B 314 -3.30 27.82 2.53
N ALA B 315 -2.36 28.57 1.97
CA ALA B 315 -2.50 30.00 1.81
C ALA B 315 -1.79 30.52 0.56
N THR B 316 -2.29 31.64 0.06
CA THR B 316 -1.58 32.47 -0.91
C THR B 316 -1.56 33.87 -0.32
N GLY B 317 -1.10 34.85 -1.09
CA GLY B 317 -1.05 36.24 -0.62
C GLY B 317 -2.38 36.74 -0.11
N GLY B 318 -3.45 36.39 -0.83
CA GLY B 318 -4.79 36.88 -0.50
C GLY B 318 -5.80 35.86 -0.03
N PHE B 319 -5.37 34.61 0.17
CA PHE B 319 -6.28 33.54 0.54
C PHE B 319 -5.78 32.69 1.70
N GLY B 320 -6.71 32.16 2.49
CA GLY B 320 -6.41 31.20 3.55
C GLY B 320 -7.40 30.06 3.51
N SER B 321 -6.89 28.84 3.38
CA SER B 321 -7.74 27.65 3.28
C SER B 321 -7.37 26.59 4.29
N TYR B 322 -8.31 25.70 4.56
CA TYR B 322 -8.10 24.55 5.44
C TYR B 322 -9.07 23.42 5.12
N VAL B 323 -8.55 22.20 5.11
CA VAL B 323 -9.34 21.00 4.88
C VAL B 323 -8.97 19.98 5.95
N ALA B 324 -9.99 19.38 6.56
CA ALA B 324 -9.77 18.35 7.58
C ALA B 324 -10.90 17.33 7.53
N PHE B 325 -10.55 16.06 7.70
CA PHE B 325 -11.55 14.99 7.74
C PHE B 325 -11.13 13.78 8.58
N ILE B 326 -12.13 13.04 9.03
CA ILE B 326 -11.92 11.83 9.83
C ILE B 326 -12.64 10.67 9.13
N PRO B 327 -11.88 9.83 8.39
CA PRO B 327 -12.49 8.74 7.61
C PRO B 327 -13.45 7.85 8.40
N GLU B 328 -13.07 7.50 9.64
CA GLU B 328 -13.88 6.63 10.47
C GLU B 328 -15.28 7.20 10.75
N LYS B 329 -15.34 8.52 10.96
CA LYS B 329 -16.56 9.21 11.34
C LYS B 329 -17.39 9.72 10.15
N GLU B 330 -16.90 9.48 8.93
N GLU B 330 -16.92 9.48 8.92
CA GLU B 330 -17.51 9.98 7.69
CA GLU B 330 -17.55 9.99 7.69
C GLU B 330 -17.74 11.49 7.79
C GLU B 330 -17.74 11.50 7.76
N LEU B 331 -16.77 12.18 8.37
CA LEU B 331 -16.90 13.58 8.75
C LEU B 331 -15.75 14.41 8.20
N GLY B 332 -16.09 15.58 7.66
CA GLY B 332 -15.09 16.48 7.08
C GLY B 332 -15.52 17.93 7.03
N ILE B 333 -14.55 18.80 6.81
CA ILE B 333 -14.79 20.24 6.68
C ILE B 333 -13.84 20.88 5.67
N VAL B 334 -14.36 21.86 4.95
CA VAL B 334 -13.56 22.72 4.07
C VAL B 334 -13.84 24.16 4.47
N MET B 335 -12.78 24.94 4.63
CA MET B 335 -12.89 26.35 4.95
C MET B 335 -12.08 27.17 3.95
N LEU B 336 -12.78 27.94 3.12
CA LEU B 336 -12.14 28.76 2.09
C LEU B 336 -12.43 30.23 2.36
N ALA B 337 -11.37 31.03 2.49
CA ALA B 337 -11.49 32.45 2.76
C ALA B 337 -10.62 33.25 1.80
N ASN B 338 -11.10 34.43 1.39
CA ASN B 338 -10.31 35.32 0.55
C ASN B 338 -9.52 36.35 1.36
N LYS B 339 -9.00 35.89 2.49
CA LYS B 339 -7.97 36.58 3.25
C LYS B 339 -7.07 35.54 3.90
N ASN B 340 -5.76 35.75 3.80
CA ASN B 340 -4.78 34.93 4.51
C ASN B 340 -4.78 35.32 5.99
N TYR B 341 -5.39 34.47 6.81
CA TYR B 341 -5.45 34.66 8.26
C TYR B 341 -4.79 33.47 8.95
N PRO B 342 -4.27 33.67 10.19
CA PRO B 342 -3.40 32.67 10.84
C PRO B 342 -3.95 31.24 10.88
N ASN B 343 -3.06 30.28 10.58
CA ASN B 343 -3.37 28.85 10.62
C ASN B 343 -4.07 28.36 11.90
N PRO B 344 -3.54 28.73 13.09
CA PRO B 344 -4.15 28.23 14.33
C PRO B 344 -5.63 28.60 14.47
N ALA B 345 -6.02 29.78 13.97
CA ALA B 345 -7.42 30.20 13.98
C ALA B 345 -8.29 29.30 13.11
N ARG B 346 -7.73 28.84 11.99
CA ARG B 346 -8.43 27.92 11.08
C ARG B 346 -8.66 26.56 11.72
N VAL B 347 -7.60 25.99 12.28
CA VAL B 347 -7.63 24.66 12.90
C VAL B 347 -8.52 24.63 14.14
N ASP B 348 -8.43 25.69 14.95
CA ASP B 348 -9.28 25.83 16.14
C ASP B 348 -10.76 25.78 15.78
N ALA B 349 -11.13 26.57 14.77
CA ALA B 349 -12.50 26.63 14.27
C ALA B 349 -12.99 25.27 13.75
N ALA B 350 -12.14 24.63 12.93
CA ALA B 350 -12.45 23.32 12.37
C ALA B 350 -12.62 22.28 13.46
N TRP B 351 -11.80 22.37 14.50
CA TRP B 351 -11.89 21.43 15.61
C TRP B 351 -13.16 21.60 16.44
N GLN B 352 -13.54 22.84 16.71
CA GLN B 352 -14.80 23.12 17.43
C GLN B 352 -16.00 22.55 16.68
N ILE B 353 -15.97 22.66 15.36
CA ILE B 353 -17.05 22.15 14.52
C ILE B 353 -17.06 20.62 14.48
N LEU B 354 -15.95 20.03 14.05
CA LEU B 354 -15.88 18.56 13.91
C LEU B 354 -15.99 17.80 15.23
N ASN B 355 -15.41 18.35 16.30
CA ASN B 355 -15.51 17.73 17.63
C ASN B 355 -16.94 17.72 18.17
N ALA B 356 -17.70 18.75 17.82
CA ALA B 356 -19.11 18.83 18.21
C ALA B 356 -19.95 17.78 17.48
N LEU B 357 -19.60 17.53 16.22
CA LEU B 357 -20.41 16.68 15.34
C LEU B 357 -20.05 15.19 15.38
N GLN B 358 -18.83 14.87 15.78
CA GLN B 358 -18.39 13.47 15.83
C GLN B 358 -19.08 12.67 16.94
P PO4 C . 3.84 -16.90 20.56
O1 PO4 C . 3.36 -15.48 20.71
O2 PO4 C . 2.76 -17.74 19.93
O3 PO4 C . 5.07 -16.93 19.67
O4 PO4 C . 4.20 -17.45 21.92
P PO4 D . -15.37 -8.43 10.05
O1 PO4 D . -16.82 -8.64 9.70
O2 PO4 D . -14.50 -9.03 8.97
O3 PO4 D . -15.07 -6.96 10.16
O4 PO4 D . -15.06 -9.11 11.37
P PO4 E . 19.55 -28.44 -5.52
O1 PO4 E . 18.67 -27.21 -5.56
O2 PO4 E . 18.69 -29.68 -5.51
O3 PO4 E . 20.43 -28.46 -6.75
O4 PO4 E . 20.41 -28.41 -4.27
P PO4 F . -11.47 -19.68 -10.47
O1 PO4 F . -11.90 -18.91 -11.69
O2 PO4 F . -10.02 -20.08 -10.60
O3 PO4 F . -11.65 -18.82 -9.24
O4 PO4 F . -12.34 -20.91 -10.30
O13 3GV G . 10.45 -24.53 3.04
O13 3GV G . 7.61 -26.91 1.31
C9 3GV G . 10.59 -25.24 2.07
C9 3GV G . 8.38 -27.08 2.24
C10 3GV G . 11.39 -24.89 0.85
C10 3GV G . 7.94 -27.35 3.65
N8 3GV G . 10.05 -26.44 1.89
N8 3GV G . 9.70 -27.02 2.22
C12 3GV G . 10.23 -27.05 0.58
C12 3GV G . 10.40 -27.33 3.46
C11 3GV G . 10.91 -25.92 -0.18
C11 3GV G . 9.24 -27.23 4.45
C14 3GV G . 9.93 -25.29 -1.13
C14 3GV G . 9.34 -28.29 5.53
O15 3GV G . 9.36 -24.22 -0.80
O15 3GV G . 9.00 -29.47 5.27
O16 3GV G . 9.71 -25.85 -2.21
O16 3GV G . 9.77 -27.93 6.65
C4 3GV G . 9.34 -27.10 2.91
C4 3GV G . 10.40 -26.66 1.05
C5 3GV G . 7.96 -27.33 2.79
C5 3GV G . 10.55 -25.30 0.74
O7 3GV G . 7.28 -26.92 1.69
O7 3GV G . 10.03 -24.36 1.57
C6 3GV G . 7.27 -27.98 3.81
C6 3GV G . 11.24 -24.91 -0.40
C1 3GV G . 7.94 -28.40 4.95
C1 3GV G . 11.78 -25.87 -1.25
C2 3GV G . 9.32 -28.17 5.08
C2 3GV G . 11.64 -27.23 -0.94
C3 3GV G . 10.00 -27.52 4.05
C3 3GV G . 10.96 -27.62 0.21
S DMS H . 21.43 -6.84 -4.59
O DMS H . 21.11 -7.08 -2.83
C1 DMS H . 21.30 -8.43 -5.47
C2 DMS H . 20.02 -5.96 -5.32
S DMS I . 11.87 19.56 -14.92
O DMS I . 11.87 17.80 -15.27
C1 DMS I . 10.48 20.36 -15.79
C2 DMS I . 11.34 19.84 -13.21
S DMS J . 1.66 27.20 3.79
O DMS J . 2.70 26.20 2.73
C1 DMS J . 0.78 28.38 2.73
C2 DMS J . 0.29 26.21 4.43
S DMS K . 17.16 25.81 5.02
O DMS K . 16.39 25.58 3.41
C1 DMS K . 17.67 24.21 5.68
C2 DMS K . 18.78 26.59 4.78
#